data_8UZH
#
_entry.id   8UZH
#
_cell.length_a   156.877
_cell.length_b   156.877
_cell.length_c   138.436
_cell.angle_alpha   90.00
_cell.angle_beta   90.00
_cell.angle_gamma   120.00
#
_symmetry.space_group_name_H-M   'P 32 1 2'
#
loop_
_entity.id
_entity.type
_entity.pdbx_description
1 polymer 'SUMO fused Trehalose Synthase (TreS),Trehalose synthase/amylase TreS'
2 non-polymer 'CALCIUM ION'
3 water water
#
_entity_poly.entity_id   1
_entity_poly.type   'polypeptide(L)'
_entity_poly.pdbx_seq_one_letter_code
;MHHHHHHGSSDSEVNQEAKPEVKPEVKPETHINLKVSDGSSEIFFKIKKTTPLRRLMEAFAKRQGKEMDSLRFLYDGIRI
QADQTPEDLDMEDNDIIEAHREQIGGVQGSHVEGGVVEHPDAKDFGSAAALPADPTWFKHAVFYEVLVRAFFDASADGSG
DLRGLIDRLDYLQWLGIDCIWLPPFYDSPLRDGGYDIRDFYKVLPEFGTVDDFVALVDAAHRRGIRIITDLVMNHTSESH
PWFQESRRDPDGPYGDYYVWSDTSERYTDARIIFVDTEESNWSFDPVRRQFYWHRFFSHQPDLNYDNPAVQEAMIDVIRF
WLGLGIDGFRLDAVPYLFEREGTNCENLPETHAFLKRVRKVVDDEFPGRVLLAEANQWPGDVVEYFGDPNTGGDECHMAF
HFPLMPRIFMAVRRESRFPISEIIAQTPPIPDMAQWGIFLRNHDELTLEMVTDEERDYMYAEYAKDPRMKANVGIRRRLA
PLLDNDRNQIELFTALLLSLPGSPVLYYGDEIGMGDVIWLGDRDGVRIPMQWTPDRNAGFSTANPGRLYLPPSQDPVYGY
QAVNVEAQRDTSTSLLNFTRTMLAVRRRHPAFAVGAFQELGGSNPSVLAYVRQVAGDDGDTVLCVNNLSRFPQPIELDLQ
QWTNYTPVELTGHVEFPRIGQVPYLLTLPGHGFYWFQLTTHEVGAPPTCGGERRL
;
_entity_poly.pdbx_strand_id   A,B
#
loop_
_chem_comp.id
_chem_comp.type
_chem_comp.name
_chem_comp.formula
CA non-polymer 'CALCIUM ION' 'Ca 2'
#
# COMPACT_ATOMS: atom_id res chain seq x y z
N ILE A 32 20.04 -16.58 -37.08
CA ILE A 32 20.27 -16.19 -35.69
C ILE A 32 18.98 -16.31 -34.89
N ASN A 33 19.11 -16.35 -33.57
CA ASN A 33 17.96 -16.40 -32.67
C ASN A 33 17.74 -15.03 -32.03
N LEU A 34 16.47 -14.71 -31.81
CA LEU A 34 16.10 -13.37 -31.37
C LEU A 34 15.02 -13.44 -30.31
N LYS A 35 15.19 -12.68 -29.23
CA LYS A 35 14.19 -12.54 -28.19
C LYS A 35 13.39 -11.27 -28.41
N VAL A 36 12.07 -11.35 -28.19
CA VAL A 36 11.17 -10.21 -28.27
C VAL A 36 10.42 -10.13 -26.95
N SER A 37 10.58 -9.00 -26.24
CA SER A 37 10.12 -8.89 -24.86
C SER A 37 9.38 -7.58 -24.65
N ASP A 38 8.56 -7.56 -23.59
CA ASP A 38 7.94 -6.32 -23.14
C ASP A 38 8.18 -6.14 -21.64
N GLU A 42 7.78 -12.93 -23.27
CA GLU A 42 8.99 -13.14 -24.06
C GLU A 42 8.79 -14.26 -25.07
N ILE A 43 9.14 -13.98 -26.33
CA ILE A 43 9.06 -14.96 -27.40
C ILE A 43 10.42 -14.99 -28.12
N PHE A 44 10.93 -16.19 -28.35
CA PHE A 44 12.20 -16.35 -29.06
C PHE A 44 11.95 -16.75 -30.51
N ARG A 55 7.53 -10.55 -39.70
CA ARG A 55 6.86 -11.68 -39.04
C ARG A 55 6.95 -11.56 -37.53
N LEU A 56 8.17 -11.33 -37.04
CA LEU A 56 8.43 -11.34 -35.60
C LEU A 56 7.59 -10.30 -34.87
N MET A 57 7.51 -9.09 -35.42
CA MET A 57 6.70 -8.05 -34.81
C MET A 57 5.22 -8.40 -34.85
N GLU A 58 4.75 -8.85 -36.01
CA GLU A 58 3.34 -9.21 -36.13
C GLU A 58 2.99 -10.41 -35.24
N ALA A 59 3.82 -11.45 -35.28
CA ALA A 59 3.56 -12.64 -34.47
C ALA A 59 3.54 -12.30 -32.98
N PHE A 60 4.42 -11.40 -32.55
CA PHE A 60 4.37 -10.95 -31.16
C PHE A 60 3.13 -10.11 -30.90
N ALA A 61 2.70 -9.31 -31.87
CA ALA A 61 1.53 -8.46 -31.68
C ALA A 61 0.27 -9.29 -31.57
N LYS A 62 0.14 -10.35 -32.37
CA LYS A 62 -1.07 -11.17 -32.34
C LYS A 62 -1.19 -11.94 -31.03
N ARG A 63 -0.08 -12.49 -30.53
CA ARG A 63 -0.13 -13.27 -29.31
C ARG A 63 -0.48 -12.41 -28.10
N GLN A 64 -0.12 -11.12 -28.13
CA GLN A 64 -0.44 -10.21 -27.05
C GLN A 64 -1.84 -9.63 -27.16
N GLY A 65 -2.61 -10.03 -28.17
CA GLY A 65 -3.94 -9.49 -28.36
C GLY A 65 -3.97 -8.02 -28.70
N LYS A 66 -2.93 -7.53 -29.38
CA LYS A 66 -2.82 -6.13 -29.73
C LYS A 66 -2.56 -5.97 -31.21
N GLU A 67 -2.77 -4.77 -31.72
CA GLU A 67 -2.55 -4.50 -33.13
C GLU A 67 -1.05 -4.38 -33.42
N MET A 68 -0.72 -4.54 -34.70
CA MET A 68 0.69 -4.49 -35.11
C MET A 68 1.30 -3.12 -34.82
N ASP A 69 0.76 -2.07 -35.42
CA ASP A 69 1.37 -0.75 -35.32
C ASP A 69 1.08 -0.06 -33.99
N SER A 70 0.19 -0.61 -33.17
CA SER A 70 -0.13 -0.02 -31.88
C SER A 70 1.02 -0.21 -30.89
N GLU A 87 19.10 -7.22 -40.62
CA GLU A 87 20.41 -6.75 -41.04
C GLU A 87 20.47 -5.23 -41.08
N ASP A 88 19.34 -4.61 -41.39
CA ASP A 88 19.25 -3.15 -41.45
C ASP A 88 19.49 -2.55 -40.07
N ASP A 95 19.74 -12.03 -29.02
CA ASP A 95 19.51 -10.61 -28.84
C ASP A 95 18.06 -10.33 -28.44
N ILE A 96 17.78 -9.10 -28.03
CA ILE A 96 16.48 -8.74 -27.47
C ILE A 96 15.86 -7.62 -28.29
N ILE A 97 14.53 -7.66 -28.39
CA ILE A 97 13.74 -6.61 -29.02
C ILE A 97 12.73 -6.10 -27.99
N GLU A 98 12.74 -4.79 -27.76
CA GLU A 98 11.85 -4.20 -26.77
C GLU A 98 10.51 -3.81 -27.38
N GLN A 108 -3.14 18.37 -27.06
CA GLN A 108 -2.73 17.51 -25.95
C GLN A 108 -2.79 18.28 -24.62
N GLY A 109 -4.00 18.69 -24.24
CA GLY A 109 -4.18 19.38 -22.98
C GLY A 109 -3.70 20.82 -23.03
N SER A 110 -3.34 21.33 -21.85
CA SER A 110 -2.88 22.70 -21.73
C SER A 110 -1.40 22.82 -22.11
N HIS A 111 -1.00 24.03 -22.48
CA HIS A 111 0.36 24.29 -22.93
C HIS A 111 0.76 25.70 -22.50
N VAL A 112 1.95 25.83 -21.93
CA VAL A 112 2.45 27.14 -21.52
C VAL A 112 3.19 27.76 -22.71
N GLU A 113 2.86 29.02 -22.99
CA GLU A 113 3.43 29.76 -24.13
C GLU A 113 4.15 30.98 -23.56
N GLY A 114 5.32 30.75 -23.00
CA GLY A 114 6.07 31.81 -22.35
C GLY A 114 5.69 31.95 -20.88
N GLY A 115 4.66 32.75 -20.61
CA GLY A 115 4.20 32.95 -19.26
C GLY A 115 2.71 32.74 -19.09
N VAL A 116 2.04 32.31 -20.16
CA VAL A 116 0.61 32.06 -20.16
C VAL A 116 0.38 30.56 -20.36
N VAL A 117 -0.48 29.98 -19.54
CA VAL A 117 -0.81 28.56 -19.62
C VAL A 117 -2.12 28.47 -20.39
N GLU A 118 -2.02 28.32 -21.70
CA GLU A 118 -3.19 28.24 -22.56
C GLU A 118 -3.84 26.87 -22.44
N HIS A 119 -5.17 26.85 -22.50
CA HIS A 119 -5.95 25.63 -22.42
C HIS A 119 -6.91 25.53 -23.61
N PRO A 120 -7.23 24.32 -24.03
CA PRO A 120 -8.16 24.16 -25.16
C PRO A 120 -9.56 24.64 -24.78
N ASP A 121 -10.42 24.72 -25.79
CA ASP A 121 -11.79 25.16 -25.64
C ASP A 121 -12.75 24.00 -25.90
N ALA A 122 -14.01 24.19 -25.49
CA ALA A 122 -15.02 23.16 -25.68
C ALA A 122 -15.33 22.93 -27.15
N LYS A 123 -15.14 23.95 -27.99
CA LYS A 123 -15.41 23.81 -29.42
C LYS A 123 -14.28 23.11 -30.17
N ASP A 124 -13.17 22.80 -29.50
CA ASP A 124 -12.04 22.16 -30.17
C ASP A 124 -12.30 20.70 -30.51
N PHE A 125 -13.35 20.10 -29.94
CA PHE A 125 -13.69 18.70 -30.21
C PHE A 125 -15.14 18.61 -30.63
N GLY A 126 -15.54 17.43 -31.08
CA GLY A 126 -16.93 17.20 -31.41
C GLY A 126 -17.83 17.33 -30.20
N SER A 127 -19.08 17.70 -30.44
CA SER A 127 -20.06 17.86 -29.38
C SER A 127 -20.84 16.57 -29.20
N ALA A 128 -20.97 16.13 -27.95
CA ALA A 128 -21.73 14.93 -27.65
C ALA A 128 -23.23 15.25 -27.57
N ALA A 129 -24.03 14.29 -28.00
CA ALA A 129 -25.48 14.47 -27.96
C ALA A 129 -25.98 14.47 -26.52
N ALA A 130 -26.80 15.45 -26.18
CA ALA A 130 -27.34 15.61 -24.85
C ALA A 130 -28.75 15.05 -24.77
N LEU A 131 -29.24 14.89 -23.54
CA LEU A 131 -30.59 14.41 -23.28
C LEU A 131 -31.56 15.57 -23.19
N PRO A 132 -32.85 15.32 -23.38
CA PRO A 132 -33.84 16.38 -23.18
C PRO A 132 -33.74 16.97 -21.77
N ALA A 133 -33.90 18.30 -21.70
CA ALA A 133 -33.67 19.02 -20.44
C ALA A 133 -34.64 18.56 -19.37
N ASP A 134 -34.09 18.02 -18.29
CA ASP A 134 -34.88 17.61 -17.12
C ASP A 134 -34.33 18.34 -15.91
N PRO A 135 -35.02 19.36 -15.39
CA PRO A 135 -34.55 20.07 -14.20
C PRO A 135 -34.77 19.32 -12.89
N THR A 136 -35.19 18.06 -12.94
CA THR A 136 -35.40 17.26 -11.73
C THR A 136 -34.83 15.85 -11.82
N TRP A 137 -34.13 15.50 -12.90
CA TRP A 137 -33.67 14.12 -13.08
C TRP A 137 -32.80 13.66 -11.93
N PHE A 138 -32.02 14.56 -11.33
CA PHE A 138 -31.12 14.19 -10.26
C PHE A 138 -31.86 13.61 -9.06
N LYS A 139 -33.14 13.94 -8.89
CA LYS A 139 -33.93 13.35 -7.82
C LYS A 139 -34.37 11.93 -8.18
N HIS A 140 -34.87 11.73 -9.40
CA HIS A 140 -35.36 10.43 -9.85
C HIS A 140 -34.25 9.50 -10.33
N ALA A 141 -33.07 9.53 -9.72
CA ALA A 141 -31.91 8.86 -10.30
C ALA A 141 -31.22 7.97 -9.27
N VAL A 142 -30.72 6.84 -9.75
CA VAL A 142 -29.80 5.98 -9.00
C VAL A 142 -28.44 6.09 -9.66
N PHE A 143 -27.42 6.45 -8.87
CA PHE A 143 -26.09 6.70 -9.39
C PHE A 143 -25.20 5.48 -9.20
N TYR A 144 -24.19 5.37 -10.06
CA TYR A 144 -23.26 4.23 -10.06
C TYR A 144 -21.84 4.78 -10.10
N GLU A 145 -21.16 4.76 -8.96
CA GLU A 145 -19.77 5.20 -8.89
C GLU A 145 -18.87 4.07 -9.37
N VAL A 146 -18.04 4.35 -10.38
CA VAL A 146 -17.10 3.36 -10.90
C VAL A 146 -15.79 4.06 -11.24
N LEU A 147 -14.70 3.56 -10.68
CA LEU A 147 -13.37 4.02 -11.09
C LEU A 147 -13.08 3.50 -12.49
N VAL A 148 -12.79 4.41 -13.42
CA VAL A 148 -12.55 4.02 -14.80
C VAL A 148 -11.39 3.04 -14.90
N ARG A 149 -10.43 3.12 -13.96
CA ARG A 149 -9.29 2.22 -13.93
C ARG A 149 -9.67 0.78 -13.59
N ALA A 150 -10.92 0.53 -13.18
CA ALA A 150 -11.28 -0.77 -12.62
C ALA A 150 -12.40 -1.50 -13.35
N PHE A 151 -13.13 -0.83 -14.25
CA PHE A 151 -14.31 -1.49 -14.84
C PHE A 151 -13.92 -2.44 -15.96
N PHE A 152 -13.35 -1.91 -17.04
CA PHE A 152 -13.05 -2.73 -18.20
C PHE A 152 -11.83 -2.17 -18.93
N ASP A 153 -10.96 -3.08 -19.38
CA ASP A 153 -9.76 -2.71 -20.11
C ASP A 153 -9.93 -3.16 -21.56
N ALA A 154 -9.99 -2.19 -22.47
CA ALA A 154 -10.08 -2.47 -23.90
C ALA A 154 -8.76 -2.29 -24.63
N SER A 155 -7.86 -1.44 -24.13
CA SER A 155 -6.56 -1.22 -24.73
C SER A 155 -5.58 -2.35 -24.46
N ALA A 156 -5.96 -3.33 -23.64
CA ALA A 156 -5.12 -4.48 -23.30
C ALA A 156 -3.79 -4.03 -22.68
N ASP A 157 -3.80 -2.88 -21.99
CA ASP A 157 -2.61 -2.36 -21.35
C ASP A 157 -2.56 -2.65 -19.85
N GLY A 158 -3.53 -3.40 -19.33
CA GLY A 158 -3.55 -3.75 -17.93
C GLY A 158 -4.32 -2.82 -17.02
N SER A 159 -4.68 -1.63 -17.51
CA SER A 159 -5.41 -0.65 -16.72
C SER A 159 -6.74 -0.34 -17.39
N GLY A 160 -7.75 -0.06 -16.56
CA GLY A 160 -9.05 0.30 -17.09
C GLY A 160 -9.00 1.68 -17.74
N ASP A 161 -9.54 1.77 -18.95
CA ASP A 161 -9.52 3.00 -19.73
C ASP A 161 -10.95 3.47 -19.98
N LEU A 162 -11.06 4.64 -20.63
CA LEU A 162 -12.38 5.09 -21.06
C LEU A 162 -13.00 4.10 -22.04
N ARG A 163 -12.31 3.86 -23.16
CA ARG A 163 -12.77 2.99 -24.25
C ARG A 163 -13.40 1.69 -23.74
N GLY A 164 -12.86 1.14 -22.65
CA GLY A 164 -13.44 -0.07 -22.09
C GLY A 164 -14.79 0.14 -21.44
N LEU A 165 -15.03 1.35 -20.92
CA LEU A 165 -16.29 1.62 -20.23
C LEU A 165 -17.46 1.61 -21.21
N ILE A 166 -17.31 2.26 -22.36
CA ILE A 166 -18.40 2.35 -23.33
C ILE A 166 -18.87 0.96 -23.76
N ASP A 167 -17.95 -0.01 -23.81
CA ASP A 167 -18.36 -1.37 -24.15
C ASP A 167 -19.32 -1.93 -23.10
N ARG A 168 -19.07 -1.65 -21.83
CA ARG A 168 -19.85 -2.22 -20.73
C ARG A 168 -21.08 -1.39 -20.38
N LEU A 169 -21.49 -0.46 -21.24
CA LEU A 169 -22.72 0.28 -20.99
C LEU A 169 -23.96 -0.62 -21.06
N ASP A 170 -23.87 -1.74 -21.77
CA ASP A 170 -25.02 -2.64 -21.87
C ASP A 170 -25.33 -3.28 -20.52
N TYR A 171 -24.29 -3.59 -19.74
CA TYR A 171 -24.51 -4.14 -18.41
C TYR A 171 -25.17 -3.11 -17.49
N LEU A 172 -24.75 -1.85 -17.58
CA LEU A 172 -25.31 -0.82 -16.71
C LEU A 172 -26.75 -0.50 -17.09
N GLN A 173 -27.04 -0.43 -18.39
CA GLN A 173 -28.42 -0.23 -18.82
C GLN A 173 -29.30 -1.40 -18.42
N TRP A 174 -28.75 -2.62 -18.51
CA TRP A 174 -29.50 -3.80 -18.09
C TRP A 174 -29.68 -3.83 -16.58
N LEU A 175 -28.68 -3.36 -15.82
CA LEU A 175 -28.80 -3.33 -14.37
C LEU A 175 -29.91 -2.39 -13.92
N GLY A 176 -30.11 -1.29 -14.63
CA GLY A 176 -31.16 -0.36 -14.32
C GLY A 176 -30.73 0.90 -13.60
N ILE A 177 -29.48 1.33 -13.77
CA ILE A 177 -29.02 2.58 -13.17
C ILE A 177 -29.56 3.75 -13.98
N ASP A 178 -29.31 4.97 -13.51
CA ASP A 178 -29.76 6.16 -14.20
C ASP A 178 -28.62 7.07 -14.65
N CYS A 179 -27.52 7.14 -13.89
CA CYS A 179 -26.39 7.96 -14.26
C CYS A 179 -25.14 7.40 -13.59
N ILE A 180 -23.99 7.69 -14.19
CA ILE A 180 -22.70 7.16 -13.74
C ILE A 180 -21.91 8.29 -13.11
N TRP A 181 -21.39 8.05 -11.90
CA TRP A 181 -20.53 8.99 -11.21
C TRP A 181 -19.10 8.49 -11.32
N LEU A 182 -18.21 9.34 -11.85
CA LEU A 182 -16.85 8.92 -12.16
C LEU A 182 -15.87 9.63 -11.23
N PRO A 183 -15.04 8.91 -10.48
CA PRO A 183 -13.93 9.53 -9.76
C PRO A 183 -13.02 10.28 -10.72
N PRO A 184 -12.14 11.15 -10.23
CA PRO A 184 -11.34 11.99 -11.13
C PRO A 184 -10.51 11.15 -12.09
N PHE A 185 -10.52 11.57 -13.35
CA PHE A 185 -9.79 10.92 -14.43
C PHE A 185 -8.84 11.86 -15.14
N TYR A 186 -8.59 13.04 -14.58
CA TYR A 186 -7.74 14.03 -15.23
C TYR A 186 -6.28 13.61 -15.16
N ASP A 187 -5.46 14.26 -15.98
CA ASP A 187 -4.02 14.02 -15.95
C ASP A 187 -3.47 14.34 -14.56
N SER A 188 -2.73 13.39 -14.00
CA SER A 188 -2.37 13.48 -12.59
C SER A 188 -1.16 12.58 -12.34
N PRO A 189 -0.30 12.91 -11.38
CA PRO A 189 0.81 12.00 -11.05
C PRO A 189 0.42 10.89 -10.10
N LEU A 190 -0.85 10.83 -9.70
CA LEU A 190 -1.40 9.75 -8.89
C LEU A 190 -0.70 9.63 -7.54
N ARG A 191 -0.24 10.77 -7.00
CA ARG A 191 0.28 10.79 -5.63
C ARG A 191 -0.83 10.79 -4.59
N ASP A 192 -2.09 11.01 -5.01
CA ASP A 192 -3.24 10.98 -4.11
C ASP A 192 -4.47 10.59 -4.95
N GLY A 193 -4.55 9.29 -5.27
CA GLY A 193 -5.68 8.70 -5.95
C GLY A 193 -6.30 9.50 -7.08
N GLY A 194 -5.47 10.22 -7.84
CA GLY A 194 -5.97 11.04 -8.92
C GLY A 194 -6.64 12.34 -8.49
N TYR A 195 -6.64 12.65 -7.19
CA TYR A 195 -7.20 13.90 -6.70
C TYR A 195 -6.20 15.05 -6.72
N ASP A 196 -5.00 14.83 -7.25
CA ASP A 196 -3.99 15.86 -7.43
C ASP A 196 -3.94 16.16 -8.93
N ILE A 197 -4.70 17.16 -9.34
CA ILE A 197 -4.93 17.41 -10.76
C ILE A 197 -3.72 18.14 -11.34
N ARG A 198 -3.04 17.50 -12.29
CA ARG A 198 -1.92 18.14 -12.97
C ARG A 198 -2.37 19.03 -14.12
N ASP A 199 -3.52 18.72 -14.73
CA ASP A 199 -4.04 19.52 -15.83
C ASP A 199 -5.54 19.29 -15.90
N PHE A 200 -6.32 20.38 -15.86
CA PHE A 200 -7.77 20.29 -15.90
C PHE A 200 -8.32 20.05 -17.29
N TYR A 201 -7.47 20.00 -18.32
CA TYR A 201 -7.94 19.94 -19.70
C TYR A 201 -7.43 18.72 -20.45
N LYS A 202 -6.86 17.73 -19.75
CA LYS A 202 -6.33 16.54 -20.39
C LYS A 202 -6.71 15.33 -19.57
N VAL A 203 -7.43 14.38 -20.19
CA VAL A 203 -7.69 13.11 -19.54
C VAL A 203 -6.37 12.37 -19.35
N LEU A 204 -6.24 11.68 -18.22
CA LEU A 204 -5.07 10.88 -17.94
C LEU A 204 -4.83 9.91 -19.10
N PRO A 205 -3.65 9.93 -19.73
CA PRO A 205 -3.44 9.13 -20.95
C PRO A 205 -3.77 7.66 -20.79
N GLU A 206 -3.52 7.08 -19.61
CA GLU A 206 -3.85 5.68 -19.39
C GLU A 206 -5.35 5.44 -19.45
N PHE A 207 -6.14 6.45 -19.09
CA PHE A 207 -7.60 6.33 -19.15
C PHE A 207 -8.14 6.57 -20.55
N GLY A 208 -7.37 7.21 -21.42
CA GLY A 208 -7.83 7.57 -22.75
C GLY A 208 -7.53 9.02 -23.08
N THR A 209 -8.39 9.66 -23.86
CA THR A 209 -8.23 11.06 -24.23
C THR A 209 -9.57 11.77 -24.10
N VAL A 210 -9.55 13.07 -24.37
CA VAL A 210 -10.77 13.87 -24.29
C VAL A 210 -11.77 13.44 -25.35
N ASP A 211 -11.28 13.02 -26.53
CA ASP A 211 -12.18 12.57 -27.58
C ASP A 211 -12.92 11.30 -27.19
N ASP A 212 -12.29 10.43 -26.37
CA ASP A 212 -12.97 9.23 -25.92
C ASP A 212 -14.10 9.54 -24.95
N PHE A 213 -13.99 10.64 -24.20
CA PHE A 213 -15.07 11.06 -23.32
C PHE A 213 -16.31 11.45 -24.14
N VAL A 214 -16.11 12.16 -25.25
CA VAL A 214 -17.23 12.56 -26.09
C VAL A 214 -18.00 11.35 -26.56
N ALA A 215 -17.30 10.26 -26.89
CA ALA A 215 -17.99 9.02 -27.27
C ALA A 215 -18.71 8.42 -26.07
N LEU A 216 -18.12 8.52 -24.87
CA LEU A 216 -18.77 8.03 -23.67
C LEU A 216 -20.06 8.81 -23.40
N VAL A 217 -19.95 10.13 -23.29
CA VAL A 217 -21.12 10.96 -23.00
C VAL A 217 -22.17 10.77 -24.10
N ASP A 218 -21.72 10.63 -25.35
CA ASP A 218 -22.66 10.34 -26.44
C ASP A 218 -23.34 9.00 -26.21
N ALA A 219 -22.56 7.92 -26.16
CA ALA A 219 -23.13 6.58 -26.08
C ALA A 219 -24.02 6.42 -24.85
N ALA A 220 -23.58 6.93 -23.70
CA ALA A 220 -24.40 6.85 -22.51
C ALA A 220 -25.73 7.57 -22.69
N HIS A 221 -25.74 8.67 -23.45
CA HIS A 221 -26.95 9.47 -23.59
C HIS A 221 -27.94 8.88 -24.60
N ARG A 222 -27.45 8.14 -25.60
CA ARG A 222 -28.37 7.53 -26.55
C ARG A 222 -29.25 6.45 -25.93
N ARG A 223 -29.08 6.15 -24.64
CA ARG A 223 -29.83 5.09 -23.99
C ARG A 223 -30.46 5.54 -22.67
N GLY A 224 -30.35 6.82 -22.32
CA GLY A 224 -30.96 7.34 -21.11
C GLY A 224 -30.07 7.34 -19.89
N ILE A 225 -28.75 7.26 -20.07
CA ILE A 225 -27.80 7.22 -18.96
C ILE A 225 -26.94 8.48 -19.03
N ARG A 226 -26.74 9.12 -17.87
CA ARG A 226 -26.01 10.37 -17.80
C ARG A 226 -24.64 10.16 -17.17
N ILE A 227 -23.86 11.23 -17.10
CA ILE A 227 -22.48 11.18 -16.65
C ILE A 227 -22.19 12.39 -15.76
N ILE A 228 -21.66 12.12 -14.57
CA ILE A 228 -21.10 13.14 -13.69
C ILE A 228 -19.73 12.65 -13.24
N THR A 229 -18.91 13.60 -12.79
CA THR A 229 -17.56 13.28 -12.36
C THR A 229 -17.16 14.15 -11.18
N ASP A 230 -16.12 13.73 -10.48
CA ASP A 230 -15.54 14.54 -9.43
C ASP A 230 -14.74 15.69 -10.04
N LEU A 231 -14.66 16.79 -9.30
CA LEU A 231 -13.89 17.95 -9.72
C LEU A 231 -13.36 18.62 -8.46
N VAL A 232 -12.06 18.42 -8.17
CA VAL A 232 -11.46 19.01 -7.00
C VAL A 232 -11.42 20.53 -7.18
N MET A 233 -12.00 21.24 -6.22
CA MET A 233 -12.15 22.69 -6.28
C MET A 233 -11.06 23.44 -5.52
N ASN A 234 -10.63 22.91 -4.38
CA ASN A 234 -9.81 23.68 -3.46
C ASN A 234 -8.35 23.72 -3.88
N HIS A 235 -7.84 22.62 -4.43
CA HIS A 235 -6.41 22.50 -4.69
C HIS A 235 -6.17 21.86 -6.04
N THR A 236 -4.94 22.00 -6.52
CA THR A 236 -4.44 21.32 -7.70
C THR A 236 -3.24 20.47 -7.29
N SER A 237 -2.66 19.77 -8.26
CA SER A 237 -1.40 19.09 -8.01
C SER A 237 -0.27 20.09 -8.00
N GLU A 238 0.81 19.74 -7.30
CA GLU A 238 2.03 20.55 -7.38
C GLU A 238 2.57 20.60 -8.80
N SER A 239 2.43 19.50 -9.53
CA SER A 239 2.89 19.41 -10.91
C SER A 239 2.05 20.22 -11.88
N HIS A 240 1.03 20.92 -11.41
CA HIS A 240 0.22 21.75 -12.30
C HIS A 240 1.06 22.90 -12.85
N PRO A 241 0.89 23.25 -14.12
CA PRO A 241 1.65 24.38 -14.68
C PRO A 241 1.35 25.70 -13.98
N TRP A 242 0.16 25.87 -13.43
CA TRP A 242 -0.14 27.09 -12.68
C TRP A 242 0.78 27.22 -11.47
N PHE A 243 1.08 26.10 -10.81
CA PHE A 243 1.94 26.16 -9.63
C PHE A 243 3.40 26.25 -10.00
N GLN A 244 3.80 25.71 -11.15
CA GLN A 244 5.20 25.82 -11.56
C GLN A 244 5.55 27.24 -12.00
N GLU A 245 4.57 27.96 -12.56
CA GLU A 245 4.80 29.36 -12.89
C GLU A 245 4.65 30.27 -11.68
N SER A 246 3.88 29.83 -10.68
CA SER A 246 3.71 30.64 -9.47
C SER A 246 4.99 30.66 -8.64
N ARG A 247 5.69 29.52 -8.55
CA ARG A 247 6.93 29.44 -7.79
C ARG A 247 8.14 29.91 -8.59
N ARG A 248 7.99 30.15 -9.89
CA ARG A 248 9.08 30.62 -10.74
C ARG A 248 8.96 32.08 -11.11
N ASP A 249 7.76 32.56 -11.44
CA ASP A 249 7.51 33.95 -11.80
C ASP A 249 6.50 34.54 -10.83
N PRO A 250 6.94 34.93 -9.63
CA PRO A 250 6.00 35.56 -8.69
C PRO A 250 5.39 36.85 -9.22
N ASP A 251 6.14 37.62 -10.01
CA ASP A 251 5.60 38.81 -10.65
C ASP A 251 4.85 38.48 -11.93
N GLY A 252 4.70 37.20 -12.28
CA GLY A 252 3.97 36.81 -13.46
C GLY A 252 2.48 36.76 -13.22
N PRO A 253 1.74 36.46 -14.28
CA PRO A 253 0.27 36.43 -14.16
C PRO A 253 -0.25 35.31 -13.27
N TYR A 254 0.51 34.24 -13.07
CA TYR A 254 0.10 33.13 -12.23
C TYR A 254 0.78 33.14 -10.87
N GLY A 255 1.57 34.18 -10.57
CA GLY A 255 2.26 34.25 -9.30
C GLY A 255 1.35 34.39 -8.10
N ASP A 256 0.11 34.86 -8.31
CA ASP A 256 -0.87 34.99 -7.24
C ASP A 256 -2.05 34.04 -7.42
N TYR A 257 -1.87 33.00 -8.22
CA TYR A 257 -2.89 31.96 -8.33
C TYR A 257 -2.96 31.08 -7.10
N TYR A 258 -1.99 31.17 -6.21
CA TYR A 258 -1.93 30.38 -4.99
C TYR A 258 -1.67 31.30 -3.80
N VAL A 259 -1.82 30.76 -2.60
CA VAL A 259 -1.63 31.52 -1.37
C VAL A 259 -0.18 31.39 -0.94
N TRP A 260 0.46 32.53 -0.65
CA TRP A 260 1.87 32.55 -0.29
C TRP A 260 2.06 33.34 1.00
N SER A 261 3.03 32.90 1.81
CA SER A 261 3.29 33.53 3.09
C SER A 261 4.78 33.48 3.39
N ASP A 262 5.26 34.46 4.14
CA ASP A 262 6.63 34.50 4.61
C ASP A 262 6.80 33.85 5.99
N THR A 263 5.70 33.69 6.73
CA THR A 263 5.72 33.06 8.04
C THR A 263 4.73 31.89 8.06
N SER A 264 4.90 31.02 9.04
CA SER A 264 3.99 29.90 9.25
C SER A 264 2.90 30.22 10.28
N GLU A 265 3.01 31.33 11.00
CA GLU A 265 2.03 31.72 12.00
C GLU A 265 0.92 32.54 11.35
N ARG A 266 0.17 31.86 10.48
CA ARG A 266 -0.98 32.46 9.81
C ARG A 266 -2.05 31.39 9.63
N TYR A 267 -3.31 31.79 9.84
CA TYR A 267 -4.44 30.86 9.77
C TYR A 267 -4.29 29.74 10.79
N THR A 268 -3.75 30.09 11.96
CA THR A 268 -3.43 29.09 12.97
C THR A 268 -4.65 28.46 13.61
N ASP A 269 -5.83 29.07 13.44
CA ASP A 269 -7.05 28.53 14.02
C ASP A 269 -7.64 27.38 13.22
N ALA A 270 -7.10 27.09 12.03
CA ALA A 270 -7.57 26.00 11.21
C ALA A 270 -6.90 24.70 11.62
N ARG A 271 -7.68 23.63 11.69
CA ARG A 271 -7.16 22.33 12.09
C ARG A 271 -6.54 21.61 10.90
N ILE A 272 -5.64 20.69 11.20
CA ILE A 272 -4.98 19.88 10.19
C ILE A 272 -5.79 18.62 9.96
N ILE A 273 -6.11 18.34 8.69
CA ILE A 273 -6.95 17.19 8.36
C ILE A 273 -6.16 15.89 8.54
N PHE A 274 -5.05 15.75 7.81
CA PHE A 274 -4.23 14.55 7.87
C PHE A 274 -3.20 14.75 8.98
N VAL A 275 -3.67 14.61 10.22
CA VAL A 275 -2.86 14.94 11.38
C VAL A 275 -1.66 14.01 11.54
N ASP A 276 -1.73 12.79 10.99
CA ASP A 276 -0.64 11.84 11.13
C ASP A 276 0.37 11.92 10.00
N THR A 277 -0.03 12.45 8.84
CA THR A 277 0.86 12.59 7.70
C THR A 277 1.47 13.97 7.58
N GLU A 278 0.71 15.02 7.88
CA GLU A 278 1.18 16.39 7.78
C GLU A 278 1.28 17.03 9.16
N GLU A 279 2.22 17.96 9.29
CA GLU A 279 2.45 18.67 10.54
C GLU A 279 2.13 20.15 10.46
N SER A 280 1.79 20.66 9.28
CA SER A 280 1.42 22.05 9.09
C SER A 280 0.77 22.19 7.72
N ASN A 281 -0.23 23.07 7.64
CA ASN A 281 -0.84 23.39 6.36
C ASN A 281 -0.01 24.36 5.53
N TRP A 282 1.10 24.86 6.09
CA TRP A 282 2.07 25.66 5.35
C TRP A 282 3.26 24.78 4.96
N SER A 283 3.83 25.05 3.80
CA SER A 283 4.98 24.29 3.32
C SER A 283 5.92 25.24 2.57
N PHE A 284 7.22 25.03 2.75
CA PHE A 284 8.24 25.92 2.19
C PHE A 284 8.69 25.39 0.83
N ASP A 285 8.39 26.16 -0.22
CA ASP A 285 8.88 25.84 -1.56
C ASP A 285 10.35 26.24 -1.66
N PRO A 286 11.22 25.35 -2.19
CA PRO A 286 12.63 25.74 -2.32
C PRO A 286 12.88 26.81 -3.38
N VAL A 287 12.02 26.89 -4.40
CA VAL A 287 12.21 27.86 -5.49
C VAL A 287 11.81 29.26 -5.04
N ARG A 288 10.51 29.45 -4.78
CA ARG A 288 10.01 30.76 -4.39
C ARG A 288 10.44 31.17 -2.98
N ARG A 289 10.99 30.25 -2.19
CA ARG A 289 11.44 30.53 -0.83
C ARG A 289 10.33 31.17 0.00
N GLN A 290 9.12 30.64 -0.15
CA GLN A 290 7.95 31.17 0.53
C GLN A 290 7.05 30.00 0.92
N PHE A 291 6.14 30.27 1.86
CA PHE A 291 5.21 29.26 2.36
C PHE A 291 3.92 29.29 1.56
N TYR A 292 3.51 28.11 1.07
CA TYR A 292 2.25 27.98 0.36
C TYR A 292 1.24 27.19 1.18
N TRP A 293 -0.03 27.52 0.99
CA TRP A 293 -1.12 26.93 1.76
C TRP A 293 -1.59 25.64 1.08
N HIS A 294 -1.69 24.58 1.86
CA HIS A 294 -2.22 23.31 1.36
C HIS A 294 -3.13 22.71 2.42
N ARG A 295 -4.41 22.56 2.09
CA ARG A 295 -5.36 21.97 3.03
C ARG A 295 -5.22 20.47 3.13
N PHE A 296 -4.60 19.82 2.14
CA PHE A 296 -4.50 18.37 2.10
C PHE A 296 -3.03 17.99 2.18
N PHE A 297 -2.40 17.68 1.04
CA PHE A 297 -1.04 17.18 1.04
C PHE A 297 -0.09 18.21 0.43
N SER A 298 1.21 18.02 0.72
CA SER A 298 2.22 18.98 0.29
C SER A 298 2.22 19.15 -1.22
N HIS A 299 1.88 18.11 -1.97
CA HIS A 299 1.78 18.20 -3.42
C HIS A 299 0.45 18.76 -3.89
N GLN A 300 -0.40 19.22 -2.97
CA GLN A 300 -1.73 19.74 -3.29
C GLN A 300 -1.86 21.14 -2.70
N PRO A 301 -1.25 22.14 -3.35
CA PRO A 301 -1.31 23.51 -2.79
C PRO A 301 -2.69 24.11 -3.01
N ASP A 302 -3.21 24.75 -1.96
CA ASP A 302 -4.52 25.39 -2.04
C ASP A 302 -4.45 26.58 -2.98
N LEU A 303 -5.61 26.94 -3.52
CA LEU A 303 -5.73 28.00 -4.51
C LEU A 303 -6.30 29.25 -3.85
N ASN A 304 -5.68 30.40 -4.13
CA ASN A 304 -6.17 31.68 -3.62
C ASN A 304 -7.39 32.07 -4.43
N TYR A 305 -8.58 31.83 -3.88
CA TYR A 305 -9.82 32.18 -4.56
C TYR A 305 -10.18 33.65 -4.38
N ASP A 306 -9.39 34.42 -3.63
CA ASP A 306 -9.53 35.86 -3.62
C ASP A 306 -9.02 36.48 -4.91
N ASN A 307 -8.19 35.76 -5.65
CA ASN A 307 -7.76 36.19 -6.98
C ASN A 307 -8.94 36.06 -7.94
N PRO A 308 -9.35 37.13 -8.62
CA PRO A 308 -10.50 37.02 -9.52
C PRO A 308 -10.22 36.15 -10.74
N ALA A 309 -8.97 36.08 -11.20
CA ALA A 309 -8.66 35.24 -12.35
C ALA A 309 -8.74 33.76 -12.01
N VAL A 310 -8.38 33.38 -10.78
CA VAL A 310 -8.50 31.99 -10.37
C VAL A 310 -9.95 31.53 -10.51
N GLN A 311 -10.89 32.34 -10.02
CA GLN A 311 -12.30 31.99 -10.12
C GLN A 311 -12.71 31.77 -11.57
N GLU A 312 -12.53 32.79 -12.42
CA GLU A 312 -12.93 32.68 -13.82
C GLU A 312 -12.22 31.52 -14.51
N ALA A 313 -10.96 31.27 -14.16
CA ALA A 313 -10.25 30.13 -14.74
C ALA A 313 -10.89 28.81 -14.31
N MET A 314 -11.32 28.72 -13.05
CA MET A 314 -11.94 27.48 -12.59
C MET A 314 -13.34 27.30 -13.16
N ILE A 315 -14.12 28.38 -13.21
CA ILE A 315 -15.45 28.27 -13.83
C ILE A 315 -15.35 28.05 -15.33
N ASP A 316 -14.21 28.38 -15.93
CA ASP A 316 -13.98 28.02 -17.33
C ASP A 316 -13.73 26.52 -17.46
N VAL A 317 -13.06 25.92 -16.48
CA VAL A 317 -12.91 24.47 -16.45
C VAL A 317 -14.28 23.80 -16.38
N ILE A 318 -15.18 24.37 -15.56
CA ILE A 318 -16.56 23.89 -15.54
C ILE A 318 -17.22 24.08 -16.89
N ARG A 319 -16.97 25.23 -17.53
CA ARG A 319 -17.53 25.49 -18.85
C ARG A 319 -17.03 24.49 -19.87
N PHE A 320 -15.81 23.98 -19.70
CA PHE A 320 -15.21 23.10 -20.70
C PHE A 320 -15.97 21.77 -20.78
N TRP A 321 -16.04 21.05 -19.66
CA TRP A 321 -16.65 19.72 -19.69
C TRP A 321 -18.15 19.81 -19.96
N LEU A 322 -18.83 20.79 -19.38
CA LEU A 322 -20.26 20.97 -19.67
C LEU A 322 -20.49 21.26 -21.14
N GLY A 323 -19.56 21.96 -21.79
CA GLY A 323 -19.65 22.13 -23.23
C GLY A 323 -19.45 20.84 -24.00
N LEU A 324 -18.65 19.92 -23.45
CA LEU A 324 -18.49 18.62 -24.08
C LEU A 324 -19.74 17.75 -23.95
N GLY A 325 -20.50 17.93 -22.87
CA GLY A 325 -21.77 17.24 -22.73
C GLY A 325 -22.02 16.61 -21.37
N ILE A 326 -21.13 16.83 -20.41
CA ILE A 326 -21.31 16.23 -19.09
C ILE A 326 -22.57 16.81 -18.44
N ASP A 327 -23.23 15.97 -17.64
CA ASP A 327 -24.49 16.34 -17.01
C ASP A 327 -24.32 16.97 -15.63
N GLY A 328 -23.10 17.04 -15.11
CA GLY A 328 -22.88 17.65 -13.81
C GLY A 328 -21.56 17.23 -13.22
N PHE A 329 -21.25 17.83 -12.07
CA PHE A 329 -20.04 17.55 -11.33
C PHE A 329 -20.37 17.34 -9.86
N ARG A 330 -19.39 16.79 -9.15
CA ARG A 330 -19.33 16.86 -7.69
C ARG A 330 -18.13 17.73 -7.35
N LEU A 331 -18.36 18.80 -6.58
CA LEU A 331 -17.30 19.72 -6.21
C LEU A 331 -16.65 19.23 -4.93
N ASP A 332 -15.35 18.99 -4.99
CA ASP A 332 -14.62 18.38 -3.89
C ASP A 332 -13.87 19.44 -3.08
N ALA A 333 -13.76 19.20 -1.78
CA ALA A 333 -12.98 20.03 -0.86
C ALA A 333 -13.48 21.47 -0.85
N VAL A 334 -14.75 21.69 -1.14
CA VAL A 334 -15.31 23.04 -1.19
C VAL A 334 -15.35 23.74 0.17
N PRO A 335 -15.51 23.04 1.33
CA PRO A 335 -15.50 23.79 2.60
C PRO A 335 -14.14 24.35 2.98
N TYR A 336 -13.21 24.42 2.01
CA TYR A 336 -11.87 24.91 2.30
C TYR A 336 -11.37 25.89 1.24
N LEU A 337 -12.23 26.41 0.38
CA LEU A 337 -11.82 27.29 -0.70
C LEU A 337 -11.17 28.56 -0.17
N PHE A 338 -11.98 29.47 0.36
CA PHE A 338 -11.48 30.72 0.90
C PHE A 338 -10.87 30.50 2.27
N GLU A 339 -10.10 31.50 2.73
CA GLU A 339 -9.46 31.43 4.03
C GLU A 339 -9.38 32.84 4.60
N ARG A 340 -9.73 32.97 5.88
CA ARG A 340 -9.71 34.25 6.58
C ARG A 340 -9.04 34.07 7.93
N GLU A 341 -8.27 35.07 8.35
CA GLU A 341 -7.58 34.98 9.63
C GLU A 341 -8.58 35.18 10.77
N GLY A 342 -8.38 34.42 11.84
CA GLY A 342 -9.28 34.43 12.97
C GLY A 342 -10.36 33.37 12.95
N THR A 343 -10.56 32.72 11.81
CA THR A 343 -11.55 31.66 11.65
C THR A 343 -10.84 30.32 11.44
N ASN A 344 -11.64 29.27 11.31
CA ASN A 344 -11.11 27.94 11.02
C ASN A 344 -10.96 27.68 9.53
N CYS A 345 -11.18 28.70 8.70
CA CYS A 345 -11.09 28.57 7.24
C CYS A 345 -12.03 27.49 6.72
N GLU A 346 -13.26 27.49 7.23
CA GLU A 346 -14.26 26.49 6.85
C GLU A 346 -15.63 27.16 6.73
N ASN A 347 -16.32 26.85 5.64
CA ASN A 347 -17.70 27.31 5.41
C ASN A 347 -17.80 28.83 5.49
N LEU A 348 -16.85 29.50 4.83
CA LEU A 348 -16.84 30.95 4.82
C LEU A 348 -17.96 31.48 3.91
N PRO A 349 -18.55 32.62 4.26
CA PRO A 349 -19.61 33.19 3.40
C PRO A 349 -19.15 33.43 1.97
N GLU A 350 -17.89 33.77 1.76
CA GLU A 350 -17.38 33.94 0.40
C GLU A 350 -17.34 32.63 -0.35
N THR A 351 -17.16 31.51 0.36
CA THR A 351 -17.19 30.20 -0.29
C THR A 351 -18.58 29.90 -0.85
N HIS A 352 -19.62 30.15 -0.05
CA HIS A 352 -20.98 29.97 -0.53
C HIS A 352 -21.33 31.02 -1.58
N ALA A 353 -20.81 32.24 -1.41
CA ALA A 353 -21.06 33.29 -2.40
C ALA A 353 -20.44 32.93 -3.74
N PHE A 354 -19.27 32.30 -3.72
CA PHE A 354 -18.67 31.82 -4.97
C PHE A 354 -19.53 30.73 -5.60
N LEU A 355 -19.85 29.69 -4.83
CA LEU A 355 -20.67 28.60 -5.35
C LEU A 355 -22.01 29.10 -5.86
N LYS A 356 -22.59 30.13 -5.21
CA LYS A 356 -23.81 30.73 -5.71
C LYS A 356 -23.60 31.34 -7.10
N ARG A 357 -22.40 31.86 -7.36
CA ARG A 357 -22.10 32.38 -8.70
C ARG A 357 -21.87 31.25 -9.68
N VAL A 358 -21.25 30.15 -9.24
CA VAL A 358 -21.10 28.98 -10.11
C VAL A 358 -22.46 28.45 -10.50
N ARG A 359 -23.37 28.35 -9.55
CA ARG A 359 -24.74 28.00 -9.88
C ARG A 359 -25.26 28.94 -10.97
N LYS A 360 -25.19 30.26 -10.73
CA LYS A 360 -25.67 31.24 -11.71
C LYS A 360 -25.16 30.95 -13.12
N VAL A 361 -23.87 30.65 -13.26
CA VAL A 361 -23.33 30.47 -14.60
C VAL A 361 -23.74 29.13 -15.20
N VAL A 362 -23.95 28.09 -14.38
CA VAL A 362 -24.41 26.84 -14.97
C VAL A 362 -25.89 26.91 -15.32
N ASP A 363 -26.71 27.61 -14.51
CA ASP A 363 -28.13 27.70 -14.85
C ASP A 363 -28.35 28.61 -16.06
N ASP A 364 -27.49 29.60 -16.25
CA ASP A 364 -27.66 30.51 -17.39
C ASP A 364 -27.17 29.88 -18.68
N GLU A 365 -25.99 29.25 -18.65
CA GLU A 365 -25.36 28.74 -19.85
C GLU A 365 -25.73 27.30 -20.16
N PHE A 366 -25.92 26.46 -19.15
CA PHE A 366 -26.22 25.04 -19.34
C PHE A 366 -27.40 24.67 -18.44
N PRO A 367 -28.63 24.97 -18.86
CA PRO A 367 -29.78 24.67 -18.01
C PRO A 367 -30.00 23.17 -17.87
N GLY A 368 -30.19 22.72 -16.64
CA GLY A 368 -30.47 21.32 -16.38
C GLY A 368 -29.31 20.50 -15.86
N ARG A 369 -28.24 21.13 -15.39
CA ARG A 369 -27.10 20.41 -14.84
C ARG A 369 -27.13 20.44 -13.32
N VAL A 370 -26.30 19.59 -12.71
CA VAL A 370 -26.33 19.35 -11.27
C VAL A 370 -24.96 19.65 -10.69
N LEU A 371 -24.95 20.20 -9.48
CA LEU A 371 -23.72 20.48 -8.74
C LEU A 371 -23.82 19.75 -7.41
N LEU A 372 -22.94 18.79 -7.18
CA LEU A 372 -22.90 18.02 -5.94
C LEU A 372 -21.77 18.54 -5.06
N ALA A 373 -22.01 18.54 -3.74
CA ALA A 373 -21.08 19.12 -2.78
C ALA A 373 -20.49 18.02 -1.91
N GLU A 374 -19.21 17.73 -2.10
CA GLU A 374 -18.48 16.90 -1.15
C GLU A 374 -18.24 17.68 0.12
N ALA A 375 -18.72 17.16 1.24
CA ALA A 375 -18.58 17.84 2.52
C ALA A 375 -18.60 16.82 3.63
N ASN A 376 -17.43 16.55 4.21
CA ASN A 376 -17.32 15.64 5.34
C ASN A 376 -17.87 16.27 6.61
N GLN A 377 -19.10 16.81 6.53
CA GLN A 377 -19.67 17.60 7.61
C GLN A 377 -21.01 17.02 8.04
N TRP A 378 -21.43 17.41 9.24
CA TRP A 378 -22.63 16.91 9.89
C TRP A 378 -23.87 17.53 9.27
N PRO A 379 -24.94 16.74 9.06
CA PRO A 379 -26.18 17.29 8.49
C PRO A 379 -26.76 18.40 9.33
N GLY A 380 -26.77 19.62 8.79
CA GLY A 380 -27.03 20.81 9.55
C GLY A 380 -25.91 21.80 9.28
N ASP A 381 -24.69 21.27 9.18
CA ASP A 381 -23.56 22.00 8.67
C ASP A 381 -23.35 21.77 7.17
N VAL A 382 -24.33 21.19 6.48
CA VAL A 382 -24.20 20.91 5.06
C VAL A 382 -25.44 21.42 4.33
N VAL A 383 -26.48 21.77 5.07
CA VAL A 383 -27.75 22.10 4.44
C VAL A 383 -27.66 23.41 3.66
N GLU A 384 -26.89 24.36 4.16
CA GLU A 384 -26.76 25.66 3.52
C GLU A 384 -26.00 25.56 2.20
N TYR A 385 -25.25 24.48 1.98
CA TYR A 385 -24.66 24.25 0.67
C TYR A 385 -25.72 24.02 -0.40
N PHE A 386 -26.96 23.71 -0.01
CA PHE A 386 -28.05 23.70 -0.97
C PHE A 386 -28.40 25.10 -1.44
N GLY A 387 -28.16 26.10 -0.62
CA GLY A 387 -28.40 27.49 -0.96
C GLY A 387 -29.57 28.09 -0.20
N ASP A 388 -30.05 29.21 -0.73
CA ASP A 388 -31.18 29.90 -0.14
C ASP A 388 -32.47 29.15 -0.47
N PRO A 389 -33.26 28.74 0.53
CA PRO A 389 -34.49 27.99 0.23
C PRO A 389 -35.56 28.83 -0.46
N ASN A 390 -35.53 30.16 -0.31
CA ASN A 390 -36.51 30.99 -1.01
C ASN A 390 -36.37 30.87 -2.52
N THR A 391 -35.14 30.84 -3.01
CA THR A 391 -34.88 30.69 -4.44
C THR A 391 -35.18 29.28 -4.94
N GLY A 392 -35.61 28.37 -4.08
CA GLY A 392 -35.73 26.98 -4.45
C GLY A 392 -34.41 26.26 -4.59
N GLY A 393 -33.31 26.89 -4.20
CA GLY A 393 -31.99 26.32 -4.37
C GLY A 393 -31.14 27.13 -5.33
N ASP A 394 -30.26 27.98 -4.79
CA ASP A 394 -29.36 28.79 -5.62
C ASP A 394 -27.90 28.41 -5.42
N GLU A 395 -27.64 27.22 -4.89
CA GLU A 395 -26.28 26.72 -4.76
C GLU A 395 -26.21 25.28 -5.27
N CYS A 396 -25.53 24.40 -4.53
CA CYS A 396 -25.44 23.01 -4.95
C CYS A 396 -26.80 22.33 -4.87
N HIS A 397 -27.14 21.57 -5.92
CA HIS A 397 -28.37 20.79 -5.90
C HIS A 397 -28.33 19.66 -4.88
N MET A 398 -27.12 19.20 -4.53
CA MET A 398 -26.98 17.99 -3.73
C MET A 398 -25.94 18.17 -2.64
N ALA A 399 -26.31 17.78 -1.43
CA ALA A 399 -25.37 17.56 -0.34
C ALA A 399 -25.56 16.13 0.14
N PHE A 400 -24.49 15.56 0.70
CA PHE A 400 -24.47 14.14 1.02
C PHE A 400 -24.78 13.91 2.49
N HIS A 401 -25.73 13.01 2.75
CA HIS A 401 -26.10 12.63 4.11
C HIS A 401 -25.15 11.50 4.54
N PHE A 402 -24.08 11.90 5.21
CA PHE A 402 -22.98 10.98 5.53
C PHE A 402 -23.25 10.04 6.69
N PRO A 403 -23.77 10.51 7.85
CA PRO A 403 -23.89 9.60 9.00
C PRO A 403 -25.03 8.58 8.87
N LEU A 404 -25.44 8.27 7.65
CA LEU A 404 -26.59 7.38 7.45
C LEU A 404 -26.26 5.95 7.86
N MET A 405 -25.43 5.25 7.08
CA MET A 405 -25.15 3.86 7.42
C MET A 405 -24.52 3.69 8.80
N PRO A 406 -23.59 4.53 9.27
CA PRO A 406 -23.13 4.39 10.65
C PRO A 406 -24.26 4.25 11.65
N ARG A 407 -25.39 4.91 11.41
CA ARG A 407 -26.58 4.68 12.23
C ARG A 407 -27.31 3.40 11.79
N ILE A 408 -27.38 3.13 10.49
CA ILE A 408 -27.97 1.88 10.03
C ILE A 408 -27.15 0.70 10.52
N PHE A 409 -25.81 0.80 10.42
CA PHE A 409 -24.96 -0.26 10.91
C PHE A 409 -25.12 -0.45 12.42
N MET A 410 -25.22 0.65 13.17
CA MET A 410 -25.44 0.53 14.61
C MET A 410 -26.82 -0.03 14.91
N ALA A 411 -27.82 0.34 14.11
CA ALA A 411 -29.18 -0.12 14.37
C ALA A 411 -29.29 -1.64 14.29
N VAL A 412 -28.58 -2.26 13.34
CA VAL A 412 -28.60 -3.71 13.22
C VAL A 412 -27.94 -4.34 14.45
N ARG A 413 -26.79 -3.81 14.85
CA ARG A 413 -26.11 -4.31 16.05
C ARG A 413 -26.90 -3.99 17.32
N ARG A 414 -27.82 -3.03 17.25
CA ARG A 414 -28.69 -2.72 18.38
C ARG A 414 -30.06 -3.36 18.27
N GLU A 415 -30.45 -3.83 17.08
CA GLU A 415 -31.77 -4.39 16.82
C GLU A 415 -32.87 -3.40 17.23
N SER A 416 -32.65 -2.13 16.89
CA SER A 416 -33.59 -1.07 17.22
C SER A 416 -33.52 0.00 16.14
N ARG A 417 -34.67 0.63 15.88
CA ARG A 417 -34.80 1.60 14.80
C ARG A 417 -34.50 3.03 15.22
N PHE A 418 -34.10 3.24 16.47
CA PHE A 418 -33.87 4.60 16.97
C PHE A 418 -32.65 5.27 16.31
N PRO A 419 -31.53 4.56 16.10
CA PRO A 419 -30.42 5.22 15.38
C PRO A 419 -30.80 5.76 14.01
N ILE A 420 -31.72 5.10 13.30
CA ILE A 420 -32.15 5.59 11.99
C ILE A 420 -33.25 6.63 12.11
N SER A 421 -34.25 6.37 12.97
CA SER A 421 -35.37 7.29 13.09
C SER A 421 -34.98 8.62 13.73
N GLU A 422 -33.88 8.66 14.47
CA GLU A 422 -33.48 9.90 15.12
C GLU A 422 -32.82 10.86 14.15
N ILE A 423 -31.94 10.35 13.28
CA ILE A 423 -31.26 11.21 12.32
C ILE A 423 -32.27 11.84 11.36
N ILE A 424 -33.27 11.07 10.92
CA ILE A 424 -34.31 11.62 10.06
C ILE A 424 -35.10 12.68 10.82
N ALA A 425 -35.36 12.45 12.10
CA ALA A 425 -36.08 13.42 12.93
C ALA A 425 -35.24 14.65 13.26
N GLN A 426 -33.95 14.66 12.90
CA GLN A 426 -33.09 15.82 13.16
C GLN A 426 -32.31 16.22 11.91
N THR A 427 -32.75 15.80 10.72
CA THR A 427 -32.18 16.26 9.46
C THR A 427 -32.86 17.55 9.02
N PRO A 428 -32.11 18.60 8.74
CA PRO A 428 -32.73 19.90 8.43
C PRO A 428 -33.45 19.86 7.09
N PRO A 429 -34.39 20.78 6.86
CA PRO A 429 -35.09 20.85 5.57
C PRO A 429 -34.13 21.06 4.41
N ILE A 430 -34.67 20.96 3.20
CA ILE A 430 -33.91 21.29 1.98
C ILE A 430 -34.80 22.05 1.03
N PRO A 431 -34.20 22.86 0.15
CA PRO A 431 -35.00 23.56 -0.87
C PRO A 431 -35.76 22.58 -1.75
N ASP A 432 -36.74 23.13 -2.47
CA ASP A 432 -37.65 22.29 -3.25
C ASP A 432 -36.91 21.55 -4.36
N MET A 433 -36.09 22.27 -5.13
CA MET A 433 -35.33 21.66 -6.21
C MET A 433 -34.01 21.07 -5.75
N ALA A 434 -33.90 20.74 -4.47
CA ALA A 434 -32.70 20.10 -3.92
C ALA A 434 -32.98 18.63 -3.63
N GLN A 435 -31.93 17.92 -3.22
CA GLN A 435 -32.07 16.50 -2.93
C GLN A 435 -30.85 16.04 -2.12
N TRP A 436 -31.11 15.23 -1.11
CA TRP A 436 -30.03 14.61 -0.34
C TRP A 436 -29.35 13.53 -1.18
N GLY A 437 -28.11 13.23 -0.81
CA GLY A 437 -27.38 12.16 -1.46
C GLY A 437 -26.98 11.08 -0.48
N ILE A 438 -27.49 9.87 -0.69
CA ILE A 438 -27.26 8.75 0.20
C ILE A 438 -26.42 7.71 -0.52
N PHE A 439 -25.35 7.27 0.12
CA PHE A 439 -24.59 6.13 -0.36
C PHE A 439 -24.24 5.23 0.81
N LEU A 440 -24.00 3.96 0.50
CA LEU A 440 -23.66 2.99 1.52
C LEU A 440 -22.14 2.97 1.70
N ARG A 441 -21.67 3.91 2.50
CA ARG A 441 -20.28 3.94 2.95
C ARG A 441 -20.22 4.70 4.27
N ASN A 442 -19.25 4.34 5.11
CA ASN A 442 -19.08 4.98 6.41
C ASN A 442 -18.11 6.15 6.38
N HIS A 443 -17.18 6.16 5.42
CA HIS A 443 -16.20 7.22 5.28
C HIS A 443 -16.11 7.65 3.82
N ASP A 444 -15.68 8.89 3.60
CA ASP A 444 -15.59 9.40 2.25
C ASP A 444 -14.28 8.97 1.59
N GLU A 445 -14.09 9.38 0.33
CA GLU A 445 -12.92 8.99 -0.44
C GLU A 445 -11.81 10.02 -0.41
N LEU A 446 -12.13 11.32 -0.30
CA LEU A 446 -11.11 12.35 -0.21
C LEU A 446 -10.25 12.16 1.02
N THR A 447 -10.80 12.54 2.18
CA THR A 447 -10.21 12.15 3.45
C THR A 447 -10.62 10.72 3.76
N LEU A 448 -10.54 10.31 5.03
CA LEU A 448 -10.99 8.97 5.42
C LEU A 448 -11.53 9.03 6.84
N GLU A 449 -12.35 10.04 7.12
CA GLU A 449 -12.90 10.27 8.45
C GLU A 449 -14.38 9.95 8.48
N MET A 450 -14.85 9.50 9.64
CA MET A 450 -16.26 9.24 9.88
C MET A 450 -16.87 10.46 10.55
N VAL A 451 -17.88 11.05 9.91
CA VAL A 451 -18.50 12.26 10.44
C VAL A 451 -19.20 11.96 11.75
N THR A 452 -19.04 12.85 12.72
CA THR A 452 -19.69 12.73 14.02
C THR A 452 -19.52 14.05 14.76
N ASP A 453 -20.52 14.39 15.56
CA ASP A 453 -20.57 15.66 16.27
C ASP A 453 -20.76 15.41 17.76
N GLU A 454 -19.84 15.92 18.58
CA GLU A 454 -19.90 15.66 20.01
C GLU A 454 -21.20 16.17 20.62
N GLU A 455 -21.82 17.18 20.01
CA GLU A 455 -23.04 17.77 20.54
C GLU A 455 -24.29 17.11 20.00
N ARG A 456 -24.34 16.83 18.70
CA ARG A 456 -25.56 16.38 18.05
C ARG A 456 -25.60 14.89 17.74
N ASP A 457 -24.48 14.18 17.90
CA ASP A 457 -24.45 12.74 17.68
C ASP A 457 -24.51 12.05 19.03
N TYR A 458 -25.63 11.41 19.33
CA TYR A 458 -25.77 10.66 20.57
C TYR A 458 -25.19 9.25 20.48
N MET A 459 -24.76 8.84 19.29
CA MET A 459 -23.99 7.62 19.10
C MET A 459 -22.48 7.89 19.03
N TYR A 460 -22.06 9.14 19.29
CA TYR A 460 -20.67 9.56 19.11
C TYR A 460 -19.69 8.58 19.76
N ALA A 461 -19.89 8.29 21.04
CA ALA A 461 -18.96 7.43 21.77
C ALA A 461 -19.25 5.95 21.61
N GLU A 462 -20.44 5.58 21.13
CA GLU A 462 -20.81 4.17 21.04
C GLU A 462 -20.27 3.49 19.79
N TYR A 463 -19.80 4.25 18.80
CA TYR A 463 -19.13 3.64 17.66
C TYR A 463 -17.88 2.90 18.09
N ALA A 464 -17.14 3.45 19.05
CA ALA A 464 -15.97 2.79 19.59
C ALA A 464 -16.31 1.52 20.36
N LYS A 465 -17.57 1.39 20.80
CA LYS A 465 -18.04 0.19 21.48
C LYS A 465 -18.45 -0.92 20.52
N ASP A 466 -18.04 -0.85 19.26
CA ASP A 466 -18.33 -1.88 18.27
C ASP A 466 -17.00 -2.33 17.67
N PRO A 467 -16.57 -3.56 17.93
CA PRO A 467 -15.31 -4.06 17.34
C PRO A 467 -15.27 -3.94 15.83
N ARG A 468 -16.36 -4.24 15.13
CA ARG A 468 -16.37 -4.16 13.67
C ARG A 468 -16.16 -2.72 13.20
N MET A 469 -16.91 -1.78 13.79
CA MET A 469 -16.70 -0.37 13.48
C MET A 469 -15.30 0.07 13.88
N LYS A 470 -14.83 -0.36 15.05
CA LYS A 470 -13.51 0.03 15.53
C LYS A 470 -12.40 -0.53 14.64
N ALA A 471 -12.59 -1.72 14.07
CA ALA A 471 -11.57 -2.31 13.21
C ALA A 471 -11.52 -1.62 11.85
N ASN A 472 -12.67 -1.38 11.24
CA ASN A 472 -12.74 -0.74 9.92
C ASN A 472 -12.86 0.78 10.07
N VAL A 473 -11.85 1.37 10.71
CA VAL A 473 -11.81 2.80 10.96
C VAL A 473 -10.81 3.44 10.00
N GLY A 474 -11.23 4.51 9.32
CA GLY A 474 -10.43 5.06 8.25
C GLY A 474 -10.20 4.14 7.07
N ILE A 475 -10.96 3.05 6.97
CA ILE A 475 -10.79 2.06 5.91
C ILE A 475 -12.08 2.06 5.08
N ARG A 476 -11.98 2.45 3.81
CA ARG A 476 -13.10 2.27 2.90
C ARG A 476 -13.30 0.78 2.66
N ARG A 477 -14.50 0.28 2.98
CA ARG A 477 -14.81 -1.13 2.83
C ARG A 477 -16.16 -1.29 2.15
N ARG A 478 -16.28 -2.31 1.32
CA ARG A 478 -17.51 -2.54 0.56
C ARG A 478 -18.60 -3.13 1.46
N LEU A 479 -19.79 -3.25 0.88
CA LEU A 479 -20.96 -3.67 1.66
C LEU A 479 -20.81 -5.09 2.16
N ALA A 480 -20.43 -6.02 1.28
CA ALA A 480 -20.38 -7.43 1.65
C ALA A 480 -19.42 -7.72 2.80
N PRO A 481 -18.17 -7.25 2.79
CA PRO A 481 -17.31 -7.51 3.96
C PRO A 481 -17.80 -6.86 5.23
N LEU A 482 -18.50 -5.72 5.13
CA LEU A 482 -18.98 -5.04 6.33
C LEU A 482 -20.01 -5.88 7.07
N LEU A 483 -20.80 -6.68 6.35
CA LEU A 483 -21.87 -7.48 6.94
C LEU A 483 -21.56 -8.98 6.91
N ASP A 484 -20.26 -9.33 6.88
CA ASP A 484 -19.81 -10.72 6.93
C ASP A 484 -20.43 -11.56 5.81
N ASN A 485 -20.70 -10.93 4.66
CA ASN A 485 -21.28 -11.60 3.50
C ASN A 485 -22.64 -12.24 3.82
N ASP A 486 -23.35 -11.69 4.79
CA ASP A 486 -24.69 -12.16 5.13
C ASP A 486 -25.67 -11.64 4.08
N ARG A 487 -26.17 -12.54 3.24
CA ARG A 487 -27.10 -12.20 2.18
C ARG A 487 -28.31 -11.43 2.72
N ASN A 488 -28.84 -11.85 3.87
CA ASN A 488 -30.01 -11.20 4.43
C ASN A 488 -29.72 -9.75 4.81
N GLN A 489 -28.57 -9.50 5.42
CA GLN A 489 -28.23 -8.14 5.82
C GLN A 489 -27.95 -7.25 4.62
N ILE A 490 -27.29 -7.80 3.59
CA ILE A 490 -27.00 -7.03 2.39
C ILE A 490 -28.29 -6.60 1.72
N GLU A 491 -29.28 -7.49 1.64
CA GLU A 491 -30.58 -7.13 1.08
C GLU A 491 -31.26 -6.06 1.92
N LEU A 492 -31.09 -6.11 3.24
CA LEU A 492 -31.73 -5.12 4.11
C LEU A 492 -31.12 -3.74 3.90
N PHE A 493 -29.79 -3.64 3.90
CA PHE A 493 -29.13 -2.37 3.67
C PHE A 493 -29.46 -1.83 2.28
N THR A 494 -29.51 -2.70 1.29
CA THR A 494 -29.84 -2.27 -0.07
C THR A 494 -31.26 -1.74 -0.15
N ALA A 495 -32.18 -2.36 0.59
CA ALA A 495 -33.56 -1.91 0.58
C ALA A 495 -33.70 -0.52 1.19
N LEU A 496 -33.01 -0.28 2.31
CA LEU A 496 -33.05 1.04 2.93
C LEU A 496 -32.45 2.10 2.01
N LEU A 497 -31.28 1.81 1.43
CA LEU A 497 -30.63 2.77 0.54
C LEU A 497 -31.51 3.11 -0.65
N LEU A 498 -32.32 2.16 -1.11
CA LEU A 498 -33.18 2.36 -2.27
C LEU A 498 -34.59 2.83 -1.91
N SER A 499 -34.89 3.04 -0.63
CA SER A 499 -36.23 3.43 -0.23
C SER A 499 -36.23 4.69 0.63
N LEU A 500 -35.14 4.92 1.35
CA LEU A 500 -35.05 6.09 2.21
C LEU A 500 -34.98 7.37 1.37
N PRO A 501 -35.41 8.51 1.91
CA PRO A 501 -35.42 9.74 1.12
C PRO A 501 -34.02 10.15 0.68
N GLY A 502 -33.87 10.39 -0.61
CA GLY A 502 -32.58 10.78 -1.17
C GLY A 502 -32.23 10.00 -2.41
N SER A 503 -31.30 10.52 -3.22
CA SER A 503 -30.85 9.84 -4.41
C SER A 503 -29.74 8.86 -4.05
N PRO A 504 -29.93 7.57 -4.29
CA PRO A 504 -28.93 6.59 -3.84
C PRO A 504 -27.75 6.47 -4.80
N VAL A 505 -26.62 6.07 -4.23
CA VAL A 505 -25.38 5.86 -4.97
C VAL A 505 -24.90 4.44 -4.71
N LEU A 506 -24.60 3.72 -5.80
CA LEU A 506 -24.13 2.35 -5.72
C LEU A 506 -22.65 2.30 -6.14
N TYR A 507 -21.80 1.80 -5.24
CA TYR A 507 -20.40 1.57 -5.58
C TYR A 507 -20.29 0.29 -6.40
N TYR A 508 -19.46 0.33 -7.44
CA TYR A 508 -19.31 -0.81 -8.32
C TYR A 508 -18.80 -2.02 -7.52
N GLY A 509 -19.51 -3.14 -7.62
CA GLY A 509 -19.21 -4.34 -6.91
C GLY A 509 -20.22 -4.71 -5.84
N ASP A 510 -20.91 -3.72 -5.28
CA ASP A 510 -21.93 -3.99 -4.28
C ASP A 510 -23.11 -4.77 -4.86
N GLU A 511 -23.29 -4.73 -6.18
CA GLU A 511 -24.42 -5.42 -6.79
C GLU A 511 -24.21 -6.93 -6.87
N ILE A 512 -22.96 -7.39 -6.96
CA ILE A 512 -22.66 -8.82 -6.98
C ILE A 512 -22.00 -9.28 -5.69
N GLY A 513 -21.87 -8.42 -4.69
CA GLY A 513 -21.26 -8.80 -3.44
C GLY A 513 -19.74 -8.90 -3.52
N MET A 514 -19.09 -7.98 -4.22
CA MET A 514 -17.64 -8.03 -4.35
C MET A 514 -16.95 -7.82 -3.00
N GLY A 515 -15.74 -8.37 -2.89
CA GLY A 515 -14.94 -8.24 -1.70
C GLY A 515 -13.88 -7.16 -1.83
N ASP A 516 -13.12 -6.99 -0.75
CA ASP A 516 -12.08 -5.97 -0.67
C ASP A 516 -10.75 -6.62 -0.31
N VAL A 517 -9.67 -6.02 -0.80
CA VAL A 517 -8.33 -6.54 -0.55
C VAL A 517 -7.68 -5.85 0.65
N ILE A 518 -8.07 -4.61 0.95
CA ILE A 518 -7.60 -3.85 2.11
C ILE A 518 -6.11 -3.59 2.04
N TRP A 519 -5.32 -4.67 2.06
CA TRP A 519 -3.88 -4.58 2.31
C TRP A 519 -3.15 -3.68 1.33
N LEU A 520 -3.76 -3.36 0.18
CA LEU A 520 -3.12 -2.48 -0.79
C LEU A 520 -3.61 -1.03 -0.69
N GLY A 521 -4.15 -0.64 0.46
CA GLY A 521 -4.55 0.74 0.65
C GLY A 521 -5.84 0.93 1.43
N ASP A 522 -5.86 1.94 2.31
CA ASP A 522 -7.09 2.29 3.01
C ASP A 522 -8.19 2.65 2.03
N ARG A 523 -7.86 3.40 0.98
CA ARG A 523 -8.80 3.80 -0.05
C ARG A 523 -8.73 2.95 -1.31
N ASP A 524 -7.59 2.33 -1.58
CA ASP A 524 -7.43 1.48 -2.75
C ASP A 524 -8.03 0.09 -2.56
N GLY A 525 -8.34 -0.31 -1.32
CA GLY A 525 -8.85 -1.65 -1.09
C GLY A 525 -10.16 -1.92 -1.82
N VAL A 526 -11.01 -0.90 -1.94
CA VAL A 526 -12.27 -1.04 -2.68
C VAL A 526 -12.11 -0.75 -4.16
N ARG A 527 -10.91 -0.37 -4.61
CA ARG A 527 -10.65 -0.02 -5.99
C ARG A 527 -10.04 -1.17 -6.77
N ILE A 528 -10.52 -2.39 -6.53
CA ILE A 528 -10.00 -3.59 -7.20
C ILE A 528 -10.76 -3.79 -8.49
N PRO A 529 -10.22 -4.56 -9.45
CA PRO A 529 -10.87 -4.66 -10.77
C PRO A 529 -12.26 -5.27 -10.69
N MET A 530 -13.13 -4.82 -11.59
CA MET A 530 -14.47 -5.37 -11.72
C MET A 530 -14.39 -6.85 -12.06
N GLN A 531 -15.02 -7.69 -11.24
CA GLN A 531 -15.01 -9.14 -11.43
C GLN A 531 -16.17 -9.52 -12.33
N TRP A 532 -15.89 -9.64 -13.63
CA TRP A 532 -16.91 -9.93 -14.63
C TRP A 532 -17.14 -11.43 -14.78
N THR A 533 -16.13 -12.15 -15.24
CA THR A 533 -16.22 -13.58 -15.54
C THR A 533 -15.21 -14.34 -14.69
N PRO A 534 -15.39 -15.67 -14.55
CA PRO A 534 -14.37 -16.47 -13.86
C PRO A 534 -13.19 -16.82 -14.76
N ASP A 535 -13.00 -16.05 -15.83
CA ASP A 535 -11.88 -16.26 -16.73
C ASP A 535 -10.65 -15.55 -16.19
N ARG A 536 -9.60 -15.46 -17.01
CA ARG A 536 -8.37 -14.80 -16.59
C ARG A 536 -8.61 -13.30 -16.42
N ASN A 537 -8.00 -12.73 -15.38
CA ASN A 537 -8.13 -11.31 -15.04
C ASN A 537 -9.60 -10.93 -14.81
N ALA A 538 -10.41 -11.90 -14.38
CA ALA A 538 -11.82 -11.67 -14.08
C ALA A 538 -12.59 -11.09 -15.26
N GLY A 539 -12.11 -11.34 -16.48
CA GLY A 539 -12.72 -10.73 -17.64
C GLY A 539 -12.53 -9.24 -17.76
N PHE A 540 -11.71 -8.64 -16.90
CA PHE A 540 -11.52 -7.20 -16.93
C PHE A 540 -10.49 -6.78 -17.98
N SER A 541 -9.47 -7.62 -18.20
CA SER A 541 -8.42 -7.31 -19.16
C SER A 541 -8.01 -8.57 -19.89
N THR A 542 -7.46 -8.38 -21.09
CA THR A 542 -6.89 -9.46 -21.90
C THR A 542 -5.37 -9.39 -21.93
N ALA A 543 -4.77 -8.79 -20.90
CA ALA A 543 -3.33 -8.59 -20.83
C ALA A 543 -2.72 -9.52 -19.81
N ASN A 544 -1.39 -9.54 -19.77
CA ASN A 544 -0.67 -10.36 -18.81
C ASN A 544 -1.00 -9.90 -17.40
N PRO A 545 -1.27 -10.81 -16.47
CA PRO A 545 -1.59 -10.39 -15.09
C PRO A 545 -0.50 -9.54 -14.45
N GLY A 546 0.74 -9.65 -14.89
CA GLY A 546 1.79 -8.80 -14.35
C GLY A 546 1.62 -7.34 -14.72
N ARG A 547 1.18 -7.07 -15.96
CA ARG A 547 0.94 -5.71 -16.41
C ARG A 547 -0.34 -5.11 -15.83
N LEU A 548 -1.12 -5.88 -15.09
CA LEU A 548 -2.33 -5.36 -14.47
C LEU A 548 -1.97 -4.32 -13.42
N TYR A 549 -2.73 -3.21 -13.41
CA TYR A 549 -2.50 -2.17 -12.40
C TYR A 549 -2.73 -2.70 -10.99
N LEU A 550 -3.66 -3.64 -10.83
CA LEU A 550 -3.99 -4.27 -9.57
C LEU A 550 -4.52 -5.66 -9.90
N PRO A 551 -4.11 -6.69 -9.16
CA PRO A 551 -4.55 -8.04 -9.49
C PRO A 551 -5.96 -8.30 -8.99
N PRO A 552 -6.79 -8.99 -9.77
CA PRO A 552 -8.14 -9.31 -9.32
C PRO A 552 -8.11 -10.17 -8.06
N SER A 553 -9.11 -9.98 -7.22
CA SER A 553 -9.17 -10.68 -5.94
C SER A 553 -9.29 -12.19 -6.16
N GLN A 554 -8.38 -12.95 -5.58
CA GLN A 554 -8.40 -14.40 -5.61
C GLN A 554 -8.78 -14.98 -4.26
N ASP A 555 -9.71 -14.30 -3.58
CA ASP A 555 -10.15 -14.73 -2.27
C ASP A 555 -11.01 -15.99 -2.38
N PRO A 556 -10.89 -16.93 -1.44
CA PRO A 556 -11.70 -18.15 -1.53
C PRO A 556 -13.20 -17.90 -1.42
N VAL A 557 -13.63 -16.76 -0.90
CA VAL A 557 -15.05 -16.43 -0.77
C VAL A 557 -15.43 -15.21 -1.60
N TYR A 558 -14.55 -14.21 -1.70
CA TYR A 558 -14.85 -12.97 -2.39
C TYR A 558 -14.23 -12.89 -3.78
N GLY A 559 -13.46 -13.90 -4.20
CA GLY A 559 -12.76 -13.84 -5.45
C GLY A 559 -13.68 -13.86 -6.66
N TYR A 560 -13.06 -13.74 -7.83
CA TYR A 560 -13.81 -13.76 -9.09
C TYR A 560 -14.27 -15.17 -9.45
N GLN A 561 -13.50 -16.19 -9.07
CA GLN A 561 -13.94 -17.56 -9.25
C GLN A 561 -15.19 -17.86 -8.43
N ALA A 562 -15.39 -17.12 -7.33
CA ALA A 562 -16.54 -17.32 -6.46
C ALA A 562 -17.68 -16.37 -6.82
N VAL A 563 -17.39 -15.06 -6.93
CA VAL A 563 -18.40 -14.06 -7.28
C VAL A 563 -17.94 -13.33 -8.54
N ASN A 564 -18.84 -13.16 -9.50
CA ASN A 564 -18.55 -12.49 -10.75
C ASN A 564 -19.86 -12.24 -11.48
N VAL A 565 -19.82 -11.32 -12.44
CA VAL A 565 -21.04 -10.94 -13.15
C VAL A 565 -21.60 -12.12 -13.95
N GLU A 566 -20.72 -12.89 -14.59
CA GLU A 566 -21.18 -13.99 -15.45
C GLU A 566 -22.02 -15.00 -14.67
N ALA A 567 -21.49 -15.49 -13.56
CA ALA A 567 -22.21 -16.49 -12.76
C ALA A 567 -23.48 -15.89 -12.16
N GLN A 568 -23.39 -14.67 -11.63
CA GLN A 568 -24.54 -14.07 -10.95
C GLN A 568 -25.69 -13.81 -11.93
N ARG A 569 -25.37 -13.43 -13.17
CA ARG A 569 -26.42 -13.20 -14.16
C ARG A 569 -27.22 -14.47 -14.43
N ASP A 570 -26.58 -15.63 -14.37
CA ASP A 570 -27.24 -16.90 -14.62
C ASP A 570 -28.20 -17.24 -13.50
N THR A 571 -27.67 -17.56 -12.33
CA THR A 571 -28.50 -17.99 -11.20
C THR A 571 -29.49 -16.90 -10.81
N SER A 572 -30.77 -17.26 -10.75
CA SER A 572 -31.81 -16.28 -10.44
C SER A 572 -31.78 -15.86 -8.99
N THR A 573 -31.31 -16.72 -8.09
CA THR A 573 -31.22 -16.39 -6.67
C THR A 573 -30.03 -15.48 -6.36
N SER A 574 -29.28 -15.04 -7.36
CA SER A 574 -28.07 -14.27 -7.13
C SER A 574 -28.40 -12.86 -6.62
N LEU A 575 -27.39 -12.24 -5.99
CA LEU A 575 -27.55 -10.86 -5.50
C LEU A 575 -27.75 -9.88 -6.64
N LEU A 576 -27.09 -10.11 -7.78
CA LEU A 576 -27.23 -9.19 -8.91
C LEU A 576 -28.65 -9.18 -9.44
N ASN A 577 -29.30 -10.34 -9.53
CA ASN A 577 -30.70 -10.36 -9.93
C ASN A 577 -31.59 -9.72 -8.87
N PHE A 578 -31.20 -9.80 -7.60
CA PHE A 578 -31.94 -9.12 -6.55
C PHE A 578 -31.87 -7.61 -6.72
N THR A 579 -30.65 -7.08 -6.86
CA THR A 579 -30.49 -5.63 -6.98
C THR A 579 -31.16 -5.10 -8.24
N ARG A 580 -31.11 -5.86 -9.33
CA ARG A 580 -31.80 -5.45 -10.54
C ARG A 580 -33.31 -5.42 -10.34
N THR A 581 -33.84 -6.42 -9.62
CA THR A 581 -35.27 -6.45 -9.34
C THR A 581 -35.70 -5.25 -8.51
N MET A 582 -34.91 -4.90 -7.50
CA MET A 582 -35.21 -3.71 -6.70
C MET A 582 -35.10 -2.45 -7.53
N LEU A 583 -34.08 -2.37 -8.39
CA LEU A 583 -33.91 -1.19 -9.25
C LEU A 583 -35.08 -1.06 -10.22
N ALA A 584 -35.52 -2.17 -10.80
CA ALA A 584 -36.64 -2.13 -11.72
C ALA A 584 -37.95 -1.82 -11.00
N VAL A 585 -38.10 -2.29 -9.77
CA VAL A 585 -39.32 -2.00 -9.01
C VAL A 585 -39.33 -0.54 -8.56
N ARG A 586 -38.19 -0.05 -8.06
CA ARG A 586 -38.12 1.34 -7.62
C ARG A 586 -38.34 2.29 -8.80
N ARG A 587 -37.92 1.91 -10.00
CA ARG A 587 -38.13 2.75 -11.17
C ARG A 587 -39.60 2.97 -11.45
N ARG A 588 -40.45 2.01 -11.10
CA ARG A 588 -41.88 2.08 -11.34
C ARG A 588 -42.63 2.84 -10.25
N HIS A 589 -41.91 3.47 -9.31
CA HIS A 589 -42.55 4.15 -8.19
C HIS A 589 -41.74 5.38 -7.83
N PRO A 590 -42.17 6.57 -8.27
CA PRO A 590 -41.40 7.79 -7.98
C PRO A 590 -41.45 8.19 -6.51
N ALA A 591 -42.33 7.61 -5.71
CA ALA A 591 -42.40 7.95 -4.29
C ALA A 591 -41.10 7.61 -3.56
N PHE A 592 -40.29 6.69 -4.10
CA PHE A 592 -39.00 6.39 -3.50
C PHE A 592 -37.99 7.51 -3.71
N ALA A 593 -38.24 8.40 -4.66
CA ALA A 593 -37.31 9.48 -4.99
C ALA A 593 -37.79 10.85 -4.52
N VAL A 594 -39.04 11.22 -4.82
CA VAL A 594 -39.58 12.53 -4.49
C VAL A 594 -40.78 12.46 -3.57
N GLY A 595 -41.19 11.28 -3.13
CA GLY A 595 -42.30 11.17 -2.22
C GLY A 595 -41.96 11.70 -0.83
N ALA A 596 -43.01 12.01 -0.08
CA ALA A 596 -42.83 12.44 1.30
C ALA A 596 -42.39 11.26 2.17
N PHE A 597 -41.84 11.59 3.33
CA PHE A 597 -41.43 10.59 4.31
C PHE A 597 -42.32 10.71 5.54
N GLN A 598 -42.73 9.56 6.05
CA GLN A 598 -43.60 9.52 7.23
C GLN A 598 -43.34 8.21 7.96
N GLU A 599 -42.48 8.26 8.98
CA GLU A 599 -42.30 7.11 9.85
C GLU A 599 -43.62 6.78 10.53
N LEU A 600 -43.89 5.48 10.66
CA LEU A 600 -45.11 4.99 11.29
C LEU A 600 -44.80 4.41 12.65
N GLY A 601 -45.57 4.81 13.66
CA GLY A 601 -45.39 4.30 15.00
C GLY A 601 -45.54 2.80 15.07
N GLY A 602 -44.53 2.13 15.61
CA GLY A 602 -44.53 0.68 15.73
C GLY A 602 -44.44 0.25 17.17
N SER A 603 -45.22 -0.77 17.54
CA SER A 603 -45.14 -1.31 18.89
C SER A 603 -43.79 -1.99 19.15
N ASN A 604 -43.16 -2.52 18.11
CA ASN A 604 -41.87 -3.16 18.25
C ASN A 604 -40.77 -2.19 17.84
N PRO A 605 -39.88 -1.79 18.75
CA PRO A 605 -38.78 -0.90 18.36
C PRO A 605 -37.72 -1.55 17.48
N SER A 606 -37.78 -2.87 17.28
CA SER A 606 -36.83 -3.54 16.41
C SER A 606 -37.16 -3.41 14.93
N VAL A 607 -38.31 -2.82 14.60
CA VAL A 607 -38.80 -2.75 13.22
C VAL A 607 -38.97 -1.28 12.85
N LEU A 608 -38.50 -0.91 11.66
CA LEU A 608 -38.61 0.45 11.13
C LEU A 608 -39.53 0.40 9.92
N ALA A 609 -40.69 1.06 10.03
CA ALA A 609 -41.68 1.09 8.97
C ALA A 609 -42.02 2.53 8.64
N TYR A 610 -41.98 2.87 7.34
CA TYR A 610 -42.25 4.23 6.89
C TYR A 610 -43.01 4.18 5.57
N VAL A 611 -43.67 5.28 5.25
CA VAL A 611 -44.47 5.42 4.04
C VAL A 611 -43.86 6.50 3.16
N ARG A 612 -43.75 6.21 1.86
CA ARG A 612 -43.35 7.19 0.86
C ARG A 612 -44.57 7.50 0.01
N GLN A 613 -45.11 8.71 0.14
CA GLN A 613 -46.34 9.10 -0.52
C GLN A 613 -46.11 10.34 -1.39
N VAL A 614 -46.72 10.32 -2.57
CA VAL A 614 -46.70 11.46 -3.49
C VAL A 614 -47.97 12.27 -3.26
N ALA A 615 -47.81 13.58 -3.09
CA ALA A 615 -48.95 14.44 -2.80
C ALA A 615 -49.92 14.46 -3.99
N GLY A 616 -51.20 14.58 -3.67
CA GLY A 616 -52.24 14.63 -4.68
C GLY A 616 -53.01 13.32 -4.77
N ASP A 617 -54.19 13.39 -5.38
CA ASP A 617 -55.02 12.22 -5.56
C ASP A 617 -54.37 11.24 -6.54
N ASP A 618 -54.57 9.95 -6.29
CA ASP A 618 -53.98 8.88 -7.08
C ASP A 618 -52.46 8.97 -7.13
N GLY A 619 -51.85 9.43 -6.04
CA GLY A 619 -50.42 9.53 -5.96
C GLY A 619 -49.76 8.24 -5.52
N ASP A 620 -48.51 8.06 -5.93
CA ASP A 620 -47.77 6.84 -5.61
C ASP A 620 -47.52 6.76 -4.11
N THR A 621 -48.07 5.72 -3.48
CA THR A 621 -47.94 5.53 -2.03
C THR A 621 -47.39 4.13 -1.79
N VAL A 622 -46.16 4.05 -1.29
CA VAL A 622 -45.52 2.78 -1.00
C VAL A 622 -45.26 2.68 0.49
N LEU A 623 -45.26 1.44 1.00
CA LEU A 623 -45.03 1.15 2.41
C LEU A 623 -43.83 0.22 2.52
N CYS A 624 -42.84 0.64 3.30
CA CYS A 624 -41.63 -0.14 3.51
C CYS A 624 -41.51 -0.51 4.98
N VAL A 625 -41.34 -1.80 5.25
CA VAL A 625 -41.16 -2.32 6.60
C VAL A 625 -39.83 -3.06 6.66
N ASN A 626 -39.02 -2.75 7.66
CA ASN A 626 -37.67 -3.30 7.77
C ASN A 626 -37.46 -3.83 9.19
N ASN A 627 -37.05 -5.08 9.29
CA ASN A 627 -36.74 -5.71 10.57
C ASN A 627 -35.23 -5.65 10.81
N LEU A 628 -34.84 -5.17 11.99
CA LEU A 628 -33.44 -5.02 12.32
C LEU A 628 -32.95 -6.05 13.33
N SER A 629 -33.82 -6.91 13.83
CA SER A 629 -33.43 -8.02 14.67
C SER A 629 -33.08 -9.23 13.81
N ARG A 630 -32.17 -10.06 14.33
CA ARG A 630 -31.80 -11.30 13.65
C ARG A 630 -32.82 -12.42 13.87
N PHE A 631 -33.93 -12.12 14.53
CA PHE A 631 -34.98 -13.07 14.82
C PHE A 631 -36.29 -12.61 14.21
N PRO A 632 -37.19 -13.53 13.89
CA PRO A 632 -38.54 -13.14 13.46
C PRO A 632 -39.19 -12.21 14.47
N GLN A 633 -39.88 -11.19 13.97
CA GLN A 633 -40.49 -10.18 14.82
C GLN A 633 -41.86 -9.79 14.26
N PRO A 634 -42.85 -9.62 15.12
CA PRO A 634 -44.13 -9.06 14.69
C PRO A 634 -44.14 -7.54 14.84
N ILE A 635 -45.09 -6.92 14.12
CA ILE A 635 -45.24 -5.48 14.17
C ILE A 635 -46.69 -5.12 13.86
N GLU A 636 -47.25 -4.23 14.68
CA GLU A 636 -48.58 -3.68 14.46
C GLU A 636 -48.45 -2.23 14.05
N LEU A 637 -49.06 -1.87 12.93
CA LEU A 637 -48.81 -0.58 12.30
C LEU A 637 -50.05 0.31 12.33
N ASP A 638 -49.81 1.59 12.07
CA ASP A 638 -50.80 2.65 12.16
C ASP A 638 -51.08 3.14 10.74
N LEU A 639 -52.03 2.48 10.07
CA LEU A 639 -52.30 2.75 8.66
C LEU A 639 -53.74 3.19 8.41
N GLN A 640 -54.38 3.84 9.39
CA GLN A 640 -55.73 4.35 9.18
C GLN A 640 -55.75 5.59 8.31
N GLN A 641 -54.64 6.33 8.24
CA GLN A 641 -54.49 7.35 7.22
C GLN A 641 -54.65 6.77 5.81
N TRP A 642 -54.43 5.47 5.65
CA TRP A 642 -54.61 4.74 4.41
C TRP A 642 -55.63 3.61 4.57
N THR A 643 -56.74 3.91 5.26
CA THR A 643 -57.81 2.94 5.40
C THR A 643 -58.44 2.65 4.04
N ASN A 644 -58.93 1.42 3.89
CA ASN A 644 -59.61 0.90 2.70
C ASN A 644 -58.67 0.69 1.52
N TYR A 645 -57.37 0.95 1.69
CA TYR A 645 -56.41 0.68 0.64
C TYR A 645 -56.08 -0.81 0.61
N THR A 646 -55.17 -1.18 -0.28
CA THR A 646 -54.78 -2.58 -0.41
C THR A 646 -53.28 -2.68 -0.63
N PRO A 647 -52.53 -3.26 0.31
CA PRO A 647 -51.08 -3.38 0.13
C PRO A 647 -50.76 -4.46 -0.89
N VAL A 648 -50.03 -4.07 -1.94
CA VAL A 648 -49.58 -4.97 -2.98
C VAL A 648 -48.06 -5.04 -2.89
N GLU A 649 -47.53 -6.21 -2.52
CA GLU A 649 -46.09 -6.40 -2.50
C GLU A 649 -45.53 -6.18 -3.90
N LEU A 650 -44.36 -5.55 -3.99
CA LEU A 650 -43.85 -5.13 -5.29
C LEU A 650 -43.16 -6.26 -6.05
N THR A 651 -42.36 -7.07 -5.36
CA THR A 651 -41.58 -8.09 -6.06
C THR A 651 -42.46 -9.16 -6.67
N GLY A 652 -43.50 -9.59 -5.95
CA GLY A 652 -44.34 -10.66 -6.42
C GLY A 652 -45.73 -10.25 -6.85
N HIS A 653 -46.07 -8.98 -6.63
CA HIS A 653 -47.40 -8.45 -6.97
C HIS A 653 -48.51 -9.23 -6.28
N VAL A 654 -48.24 -9.65 -5.04
CA VAL A 654 -49.20 -10.41 -4.25
C VAL A 654 -50.06 -9.43 -3.46
N GLU A 655 -51.37 -9.66 -3.47
CA GLU A 655 -52.31 -8.79 -2.77
C GLU A 655 -52.46 -9.23 -1.32
N PHE A 656 -52.23 -8.31 -0.40
CA PHE A 656 -52.34 -8.54 1.02
C PHE A 656 -53.65 -7.95 1.55
N PRO A 657 -54.11 -8.37 2.72
CA PRO A 657 -55.43 -7.93 3.19
C PRO A 657 -55.58 -6.42 3.23
N ARG A 658 -56.75 -5.95 2.84
CA ARG A 658 -57.05 -4.53 2.87
C ARG A 658 -57.01 -4.02 4.31
N ILE A 659 -56.58 -2.78 4.47
CA ILE A 659 -56.41 -2.17 5.78
C ILE A 659 -57.72 -1.54 6.22
N GLY A 660 -58.16 -1.87 7.42
CA GLY A 660 -59.34 -1.25 8.00
C GLY A 660 -58.98 -0.30 9.12
N GLN A 661 -59.73 -0.36 10.22
CA GLN A 661 -59.44 0.45 11.40
C GLN A 661 -58.71 -0.34 12.47
N VAL A 662 -58.19 -1.51 12.13
CA VAL A 662 -57.44 -2.37 13.06
C VAL A 662 -55.96 -2.11 12.86
N PRO A 663 -55.14 -2.10 13.92
CA PRO A 663 -53.69 -2.08 13.73
C PRO A 663 -53.22 -3.20 12.83
N TYR A 664 -52.71 -2.85 11.64
CA TYR A 664 -52.30 -3.85 10.67
C TYR A 664 -51.13 -4.67 11.21
N LEU A 665 -51.26 -5.99 11.15
CA LEU A 665 -50.24 -6.90 11.65
C LEU A 665 -49.38 -7.43 10.51
N LEU A 666 -48.08 -7.45 10.73
CA LEU A 666 -47.13 -8.01 9.77
C LEU A 666 -46.07 -8.79 10.54
N THR A 667 -45.56 -9.84 9.91
CA THR A 667 -44.50 -10.66 10.48
C THR A 667 -43.33 -10.72 9.51
N LEU A 668 -42.13 -10.59 10.03
CA LEU A 668 -40.94 -10.50 9.20
C LEU A 668 -39.88 -11.47 9.71
N PRO A 669 -39.07 -12.02 8.81
CA PRO A 669 -37.93 -12.83 9.24
C PRO A 669 -36.83 -11.96 9.82
N GLY A 670 -35.80 -12.62 10.34
CA GLY A 670 -34.63 -11.91 10.83
C GLY A 670 -33.92 -11.17 9.72
N HIS A 671 -33.73 -9.86 9.90
CA HIS A 671 -33.07 -9.01 8.90
C HIS A 671 -33.82 -9.06 7.56
N GLY A 672 -35.15 -9.10 7.63
CA GLY A 672 -36.00 -9.11 6.46
C GLY A 672 -36.67 -7.76 6.23
N PHE A 673 -37.27 -7.63 5.06
CA PHE A 673 -37.95 -6.39 4.69
C PHE A 673 -39.08 -6.69 3.71
N TYR A 674 -40.10 -5.85 3.75
CA TYR A 674 -41.22 -5.91 2.81
C TYR A 674 -41.39 -4.55 2.15
N TRP A 675 -41.75 -4.56 0.87
CA TRP A 675 -42.17 -3.36 0.16
C TRP A 675 -43.60 -3.57 -0.31
N PHE A 676 -44.47 -2.62 -0.01
CA PHE A 676 -45.87 -2.68 -0.40
C PHE A 676 -46.25 -1.40 -1.13
N GLN A 677 -47.26 -1.51 -2.00
CA GLN A 677 -47.80 -0.36 -2.73
C GLN A 677 -49.26 -0.21 -2.34
N LEU A 678 -49.57 0.78 -1.52
CA LEU A 678 -50.94 1.06 -1.13
C LEU A 678 -51.68 1.63 -2.33
N THR A 679 -52.58 0.85 -2.90
CA THR A 679 -53.31 1.25 -4.09
C THR A 679 -54.81 1.34 -3.81
N THR A 680 -55.51 2.04 -4.70
CA THR A 680 -56.96 2.20 -4.56
C THR A 680 -57.70 1.02 -5.17
N LEU B 34 -25.93 -13.04 23.66
CA LEU B 34 -24.77 -12.17 23.88
C LEU B 34 -23.71 -12.37 22.82
N LYS B 35 -23.15 -11.28 22.32
CA LYS B 35 -22.07 -11.33 21.34
C LYS B 35 -20.72 -11.20 22.04
N VAL B 36 -19.76 -11.98 21.59
CA VAL B 36 -18.36 -11.86 22.00
C VAL B 36 -17.53 -11.74 20.74
N SER B 37 -16.80 -10.63 20.61
CA SER B 37 -16.15 -10.29 19.36
C SER B 37 -14.75 -9.74 19.63
N ASP B 38 -13.90 -9.85 18.61
CA ASP B 38 -12.62 -9.18 18.58
C ASP B 38 -12.41 -8.35 17.32
N GLY B 39 -13.35 -8.38 16.38
CA GLY B 39 -13.22 -7.68 15.12
C GLY B 39 -13.44 -8.59 13.93
N SER B 40 -12.77 -9.75 13.92
CA SER B 40 -12.87 -10.69 12.82
C SER B 40 -13.56 -12.00 13.18
N SER B 41 -13.59 -12.37 14.45
CA SER B 41 -14.22 -13.60 14.91
C SER B 41 -15.31 -13.27 15.93
N GLU B 42 -16.52 -13.77 15.68
CA GLU B 42 -17.68 -13.50 16.52
C GLU B 42 -18.34 -14.81 16.91
N ILE B 43 -18.81 -14.88 18.16
CA ILE B 43 -19.52 -16.06 18.66
C ILE B 43 -20.71 -15.57 19.47
N PHE B 44 -21.88 -16.16 19.22
CA PHE B 44 -23.10 -15.84 19.95
C PHE B 44 -23.37 -16.89 21.01
N PHE B 45 -23.85 -16.44 22.18
CA PHE B 45 -24.21 -17.35 23.25
C PHE B 45 -25.65 -17.13 23.69
N THR B 50 -27.91 -15.53 35.53
CA THR B 50 -27.29 -15.92 36.79
C THR B 50 -25.97 -16.62 36.53
N THR B 51 -25.78 -17.07 35.30
CA THR B 51 -24.53 -17.70 34.90
C THR B 51 -23.39 -16.68 34.96
N PRO B 52 -22.22 -17.06 35.48
CA PRO B 52 -21.06 -16.16 35.44
C PRO B 52 -20.37 -16.17 34.08
N ALA B 59 -14.95 -20.23 26.54
CA ALA B 59 -15.28 -20.85 25.26
C ALA B 59 -14.67 -20.06 24.10
N PHE B 60 -14.71 -18.74 24.20
CA PHE B 60 -14.13 -17.90 23.17
C PHE B 60 -12.61 -17.96 23.18
N ALA B 61 -12.00 -18.10 24.36
CA ALA B 61 -10.54 -18.18 24.44
C ALA B 61 -10.04 -19.47 23.80
N LYS B 62 -10.73 -20.58 24.02
CA LYS B 62 -10.34 -21.87 23.47
C LYS B 62 -10.49 -21.87 21.95
N GLY B 65 -7.67 -20.31 20.14
CA GLY B 65 -6.39 -20.90 20.44
C GLY B 65 -5.51 -20.02 21.31
N LYS B 66 -6.13 -19.37 22.30
CA LYS B 66 -5.43 -18.48 23.22
C LYS B 66 -5.80 -18.83 24.65
N GLU B 67 -4.98 -18.37 25.58
CA GLU B 67 -5.21 -18.62 27.00
C GLU B 67 -6.37 -17.79 27.52
N SER B 70 -5.05 -14.51 29.09
CA SER B 70 -4.21 -13.78 28.15
C SER B 70 -5.01 -12.71 27.43
N LEU B 71 -6.30 -12.96 27.25
CA LEU B 71 -7.21 -12.03 26.59
C LEU B 71 -7.93 -11.19 27.63
N ARG B 72 -8.20 -9.94 27.28
CA ARG B 72 -8.96 -9.03 28.13
C ARG B 72 -10.33 -8.79 27.52
N PHE B 73 -11.36 -8.80 28.36
CA PHE B 73 -12.74 -8.71 27.95
C PHE B 73 -13.38 -7.47 28.58
N LEU B 74 -14.17 -6.74 27.79
CA LEU B 74 -14.88 -5.58 28.31
C LEU B 74 -16.28 -5.55 27.72
N TYR B 75 -17.17 -4.81 28.40
CA TYR B 75 -18.55 -4.64 27.97
C TYR B 75 -18.92 -3.19 28.15
N ASP B 76 -19.21 -2.51 27.03
CA ASP B 76 -19.56 -1.07 27.05
C ASP B 76 -18.46 -0.24 27.69
N GLY B 77 -17.21 -0.59 27.40
CA GLY B 77 -16.08 0.13 27.96
C GLY B 77 -15.87 -0.11 29.44
N ILE B 78 -16.16 -1.32 29.93
CA ILE B 78 -16.02 -1.66 31.34
C ILE B 78 -15.29 -2.99 31.44
N ARG B 79 -14.11 -2.97 32.05
CA ARG B 79 -13.32 -4.18 32.22
C ARG B 79 -14.04 -5.15 33.15
N ILE B 80 -14.56 -6.24 32.59
CA ILE B 80 -15.29 -7.24 33.35
C ILE B 80 -14.36 -8.42 33.65
N GLN B 81 -14.66 -9.12 34.73
CA GLN B 81 -13.96 -10.35 35.10
C GLN B 81 -14.91 -11.54 35.06
N THR B 85 -21.87 -11.86 36.13
CA THR B 85 -23.20 -12.28 35.69
C THR B 85 -23.93 -11.08 35.06
N PRO B 86 -24.74 -11.33 34.03
CA PRO B 86 -25.27 -10.21 33.24
C PRO B 86 -26.15 -9.27 34.04
N GLU B 87 -26.90 -9.76 35.04
CA GLU B 87 -27.72 -8.86 35.83
C GLU B 87 -26.88 -7.91 36.67
N ASP B 88 -25.67 -8.33 37.05
CA ASP B 88 -24.78 -7.44 37.80
C ASP B 88 -24.36 -6.24 36.96
N LEU B 89 -24.30 -6.40 35.64
CA LEU B 89 -23.79 -5.38 34.75
C LEU B 89 -24.86 -4.81 33.84
N ASP B 90 -26.13 -5.08 34.13
CA ASP B 90 -27.26 -4.58 33.34
C ASP B 90 -27.09 -4.95 31.86
N MET B 91 -26.90 -6.25 31.63
CA MET B 91 -26.67 -6.77 30.29
C MET B 91 -27.97 -7.33 29.75
N GLU B 92 -28.32 -6.93 28.53
CA GLU B 92 -29.58 -7.30 27.92
C GLU B 92 -29.32 -8.14 26.67
N ASP B 93 -30.41 -8.57 26.03
CA ASP B 93 -30.31 -9.38 24.83
C ASP B 93 -29.60 -8.62 23.72
N ASN B 94 -28.81 -9.36 22.94
CA ASN B 94 -28.09 -8.82 21.78
C ASN B 94 -27.09 -7.74 22.17
N ASP B 95 -26.45 -7.88 23.32
CA ASP B 95 -25.34 -7.02 23.69
C ASP B 95 -24.03 -7.67 23.23
N ILE B 96 -22.95 -6.90 23.33
CA ILE B 96 -21.66 -7.30 22.75
C ILE B 96 -20.58 -7.19 23.81
N ILE B 97 -19.71 -8.19 23.84
CA ILE B 97 -18.51 -8.18 24.66
C ILE B 97 -17.30 -8.14 23.73
N GLU B 98 -16.37 -7.24 24.00
CA GLU B 98 -15.16 -7.11 23.21
C GLU B 98 -14.02 -7.90 23.83
N ALA B 99 -13.11 -8.37 22.98
CA ALA B 99 -11.93 -9.11 23.41
C ALA B 99 -10.69 -8.43 22.85
N HIS B 100 -9.90 -7.83 23.73
CA HIS B 100 -8.68 -7.13 23.34
C HIS B 100 -7.48 -7.78 23.99
N ARG B 101 -6.32 -7.59 23.37
CA ARG B 101 -5.07 -8.05 23.96
C ARG B 101 -4.75 -7.25 25.22
N GLU B 102 -3.92 -7.84 26.07
CA GLU B 102 -3.56 -7.23 27.35
C GLU B 102 -2.84 -5.90 27.16
N VAL B 107 9.14 -1.13 32.60
CA VAL B 107 10.22 -2.08 32.36
C VAL B 107 10.42 -2.30 30.87
N GLN B 108 9.34 -2.13 30.11
CA GLN B 108 9.36 -2.31 28.66
C GLN B 108 9.21 -0.93 28.01
N GLY B 109 10.33 -0.21 27.91
CA GLY B 109 10.33 1.07 27.24
C GLY B 109 11.19 2.13 27.91
N SER B 110 11.91 2.89 27.09
CA SER B 110 12.69 4.01 27.61
C SER B 110 11.75 5.10 28.12
N HIS B 111 12.14 5.72 29.23
CA HIS B 111 11.28 6.66 29.94
C HIS B 111 11.93 8.03 29.99
N VAL B 112 11.17 9.05 29.63
CA VAL B 112 11.63 10.44 29.71
C VAL B 112 11.17 11.00 31.05
N GLU B 113 12.12 11.24 31.96
CA GLU B 113 11.79 11.78 33.27
C GLU B 113 11.92 13.30 33.27
N GLY B 114 12.70 13.83 34.22
CA GLY B 114 12.88 15.26 34.33
C GLY B 114 13.65 15.86 33.17
N GLY B 115 13.00 15.94 32.01
CA GLY B 115 13.64 16.49 30.83
C GLY B 115 14.80 15.67 30.31
N VAL B 116 14.87 14.38 30.68
CA VAL B 116 15.94 13.51 30.26
C VAL B 116 15.35 12.16 29.87
N VAL B 117 15.72 11.66 28.69
CA VAL B 117 15.22 10.39 28.19
C VAL B 117 16.08 9.28 28.78
N GLU B 118 15.58 8.64 29.84
CA GLU B 118 16.29 7.52 30.43
C GLU B 118 16.01 6.25 29.64
N HIS B 119 16.97 5.33 29.67
CA HIS B 119 16.87 4.06 29.00
C HIS B 119 17.38 2.96 29.93
N PRO B 120 16.82 1.76 29.84
CA PRO B 120 17.33 0.66 30.68
C PRO B 120 18.71 0.22 30.25
N ASP B 121 19.30 -0.71 30.99
CA ASP B 121 20.63 -1.24 30.69
C ASP B 121 20.55 -2.73 30.42
N ALA B 122 21.62 -3.27 29.82
CA ALA B 122 21.66 -4.68 29.50
C ALA B 122 21.71 -5.57 30.74
N LYS B 123 22.12 -5.01 31.89
CA LYS B 123 22.16 -5.78 33.13
C LYS B 123 20.77 -6.03 33.72
N ASP B 124 19.77 -5.26 33.30
CA ASP B 124 18.41 -5.44 33.80
C ASP B 124 17.72 -6.67 33.23
N PHE B 125 18.32 -7.33 32.25
CA PHE B 125 17.71 -8.46 31.56
C PHE B 125 18.59 -9.70 31.73
N GLY B 126 18.12 -10.81 31.18
CA GLY B 126 18.86 -12.06 31.29
C GLY B 126 20.12 -12.05 30.45
N SER B 127 21.14 -12.75 30.95
CA SER B 127 22.42 -12.86 30.27
C SER B 127 22.36 -14.06 29.32
N ALA B 128 22.44 -13.80 28.02
CA ALA B 128 22.39 -14.86 27.02
C ALA B 128 23.77 -15.48 26.84
N ALA B 129 23.81 -16.80 26.77
CA ALA B 129 25.08 -17.49 26.59
C ALA B 129 25.63 -17.25 25.19
N ALA B 130 26.93 -16.98 25.12
CA ALA B 130 27.61 -16.71 23.86
C ALA B 130 28.32 -17.97 23.38
N LEU B 131 28.94 -17.87 22.21
CA LEU B 131 29.64 -18.97 21.57
C LEU B 131 31.14 -18.85 21.77
N PRO B 132 31.89 -19.94 21.56
CA PRO B 132 33.36 -19.83 21.51
C PRO B 132 33.80 -18.76 20.54
N ALA B 133 34.53 -17.76 21.03
CA ALA B 133 34.89 -16.61 20.22
C ALA B 133 35.73 -17.02 19.01
N ASP B 134 35.24 -16.71 17.83
CA ASP B 134 35.96 -16.95 16.57
C ASP B 134 35.88 -15.69 15.74
N PRO B 135 36.90 -14.82 15.81
CA PRO B 135 36.83 -13.53 15.11
C PRO B 135 36.78 -13.62 13.59
N THR B 136 36.73 -14.83 13.02
CA THR B 136 36.64 -14.99 11.57
C THR B 136 35.45 -15.83 11.16
N TRP B 137 34.40 -15.87 11.99
CA TRP B 137 33.21 -16.68 11.65
C TRP B 137 32.42 -16.07 10.49
N PHE B 138 32.44 -14.75 10.37
CA PHE B 138 31.63 -14.07 9.36
C PHE B 138 32.11 -14.36 7.94
N LYS B 139 33.33 -14.86 7.77
CA LYS B 139 33.80 -15.22 6.44
C LYS B 139 33.25 -16.57 5.99
N HIS B 140 33.12 -17.52 6.93
CA HIS B 140 32.56 -18.83 6.63
C HIS B 140 31.05 -18.88 6.76
N ALA B 141 30.40 -17.79 7.16
CA ALA B 141 28.99 -17.84 7.49
C ALA B 141 28.13 -17.70 6.24
N VAL B 142 26.95 -18.31 6.29
CA VAL B 142 25.90 -18.15 5.28
C VAL B 142 24.73 -17.46 5.96
N PHE B 143 24.40 -16.25 5.50
CA PHE B 143 23.41 -15.42 6.17
C PHE B 143 22.02 -15.69 5.62
N TYR B 144 21.01 -15.43 6.45
CA TYR B 144 19.60 -15.64 6.11
C TYR B 144 18.81 -14.42 6.57
N GLU B 145 18.62 -13.46 5.65
CA GLU B 145 17.85 -12.27 5.96
C GLU B 145 16.36 -12.61 5.96
N VAL B 146 15.68 -12.22 7.03
CA VAL B 146 14.26 -12.56 7.18
C VAL B 146 13.61 -11.57 8.13
N LEU B 147 12.43 -11.10 7.73
CA LEU B 147 11.61 -10.29 8.62
C LEU B 147 11.06 -11.15 9.76
N VAL B 148 11.14 -10.63 10.98
CA VAL B 148 10.44 -11.26 12.10
C VAL B 148 8.94 -11.29 11.84
N ARG B 149 8.43 -10.24 11.19
CA ARG B 149 7.01 -10.12 10.88
C ARG B 149 6.50 -11.21 9.94
N ALA B 150 7.39 -11.86 9.19
CA ALA B 150 6.98 -12.68 8.07
C ALA B 150 7.23 -14.17 8.23
N PHE B 151 7.97 -14.59 9.25
CA PHE B 151 8.33 -16.01 9.35
C PHE B 151 7.22 -16.84 10.00
N PHE B 152 6.99 -16.64 11.30
CA PHE B 152 6.02 -17.44 12.01
C PHE B 152 5.34 -16.61 13.08
N ASP B 153 4.03 -16.81 13.24
CA ASP B 153 3.22 -16.13 14.24
C ASP B 153 2.85 -17.15 15.31
N ALA B 154 3.55 -17.09 16.45
CA ALA B 154 3.24 -17.96 17.58
C ALA B 154 2.16 -17.37 18.48
N SER B 155 2.04 -16.04 18.52
CA SER B 155 1.01 -15.40 19.33
C SER B 155 -0.36 -15.45 18.69
N ALA B 156 -0.46 -15.91 17.44
CA ALA B 156 -1.74 -16.01 16.72
C ALA B 156 -2.43 -14.66 16.65
N ASP B 157 -1.67 -13.57 16.55
CA ASP B 157 -2.20 -12.22 16.48
C ASP B 157 -2.17 -11.65 15.06
N GLY B 158 -1.84 -12.47 14.06
CA GLY B 158 -1.80 -12.04 12.68
C GLY B 158 -0.46 -11.52 12.20
N SER B 159 0.49 -11.31 13.10
CA SER B 159 1.81 -10.80 12.73
C SER B 159 2.89 -11.74 13.25
N GLY B 160 3.87 -12.02 12.41
CA GLY B 160 4.99 -12.84 12.85
C GLY B 160 5.75 -12.16 13.97
N ASP B 161 6.13 -12.96 14.96
CA ASP B 161 6.77 -12.46 16.17
C ASP B 161 8.12 -13.14 16.37
N LEU B 162 8.90 -12.62 17.33
CA LEU B 162 10.09 -13.36 17.75
C LEU B 162 9.73 -14.74 18.23
N ARG B 163 8.65 -14.85 19.05
CA ARG B 163 8.24 -16.13 19.60
C ARG B 163 8.11 -17.20 18.53
N GLY B 164 7.73 -16.83 17.31
CA GLY B 164 7.67 -17.81 16.24
C GLY B 164 9.04 -18.16 15.70
N LEU B 165 10.01 -17.24 15.81
CA LEU B 165 11.33 -17.47 15.23
C LEU B 165 12.05 -18.61 15.95
N ILE B 166 11.93 -18.70 17.27
CA ILE B 166 12.60 -19.78 17.97
C ILE B 166 12.01 -21.13 17.58
N ASP B 167 10.71 -21.18 17.30
CA ASP B 167 10.07 -22.44 16.95
C ASP B 167 10.54 -22.94 15.58
N ARG B 168 10.96 -22.05 14.70
CA ARG B 168 11.37 -22.40 13.35
C ARG B 168 12.89 -22.51 13.21
N LEU B 169 13.63 -22.52 14.32
CA LEU B 169 15.08 -22.63 14.24
C LEU B 169 15.54 -24.01 13.79
N ASP B 170 14.72 -25.04 14.00
CA ASP B 170 15.08 -26.38 13.53
C ASP B 170 15.12 -26.45 12.01
N TYR B 171 14.26 -25.67 11.34
CA TYR B 171 14.27 -25.67 9.88
C TYR B 171 15.51 -24.97 9.34
N LEU B 172 15.94 -23.89 9.98
CA LEU B 172 17.08 -23.13 9.48
C LEU B 172 18.38 -23.88 9.66
N GLN B 173 18.53 -24.60 10.78
CA GLN B 173 19.69 -25.48 10.92
C GLN B 173 19.65 -26.60 9.90
N TRP B 174 18.48 -27.21 9.70
CA TRP B 174 18.35 -28.28 8.73
C TRP B 174 18.68 -27.78 7.32
N LEU B 175 18.30 -26.53 7.02
CA LEU B 175 18.68 -25.94 5.74
C LEU B 175 20.20 -25.79 5.65
N GLY B 176 20.82 -25.28 6.70
CA GLY B 176 22.27 -25.17 6.72
C GLY B 176 22.81 -23.76 6.77
N ILE B 177 22.03 -22.84 7.33
CA ILE B 177 22.53 -21.48 7.51
C ILE B 177 23.39 -21.40 8.78
N ASP B 178 24.17 -20.33 8.88
CA ASP B 178 25.05 -20.12 10.01
C ASP B 178 24.72 -18.87 10.82
N CYS B 179 23.91 -17.96 10.29
CA CYS B 179 23.56 -16.74 11.01
C CYS B 179 22.30 -16.13 10.41
N ILE B 180 21.46 -15.57 11.27
CA ILE B 180 20.22 -14.94 10.86
C ILE B 180 20.38 -13.43 10.93
N TRP B 181 19.90 -12.73 9.90
CA TRP B 181 19.97 -11.28 9.83
C TRP B 181 18.55 -10.74 9.92
N LEU B 182 18.30 -9.94 10.96
CA LEU B 182 16.96 -9.42 11.23
C LEU B 182 16.89 -7.96 10.84
N PRO B 183 16.04 -7.58 9.89
CA PRO B 183 15.78 -6.16 9.63
C PRO B 183 15.26 -5.47 10.89
N PRO B 184 15.28 -4.14 10.94
CA PRO B 184 14.98 -3.44 12.20
C PRO B 184 13.62 -3.83 12.76
N PHE B 185 13.61 -4.11 14.06
CA PHE B 185 12.39 -4.53 14.75
C PHE B 185 12.14 -3.74 16.03
N TYR B 186 12.88 -2.65 16.25
CA TYR B 186 12.64 -1.83 17.42
C TYR B 186 11.33 -1.07 17.26
N ASP B 187 10.86 -0.50 18.39
CA ASP B 187 9.60 0.23 18.39
C ASP B 187 9.66 1.40 17.40
N SER B 188 8.63 1.52 16.58
CA SER B 188 8.64 2.44 15.45
C SER B 188 7.20 2.63 14.98
N PRO B 189 6.86 3.77 14.36
CA PRO B 189 5.51 3.95 13.83
C PRO B 189 5.27 3.29 12.50
N LEU B 190 6.25 2.56 11.96
CA LEU B 190 6.13 1.83 10.70
C LEU B 190 5.69 2.73 9.56
N ARG B 191 6.22 3.96 9.53
CA ARG B 191 5.99 4.86 8.42
C ARG B 191 6.99 4.67 7.29
N ASP B 192 8.11 4.02 7.55
CA ASP B 192 9.12 3.72 6.54
C ASP B 192 9.72 2.34 6.78
N GLY B 193 8.86 1.34 6.96
CA GLY B 193 9.30 -0.04 7.08
C GLY B 193 10.17 -0.33 8.28
N GLY B 194 9.83 0.24 9.43
CA GLY B 194 10.61 0.02 10.63
C GLY B 194 11.97 0.68 10.65
N TYR B 195 12.36 1.38 9.59
CA TYR B 195 13.63 2.08 9.55
C TYR B 195 13.57 3.45 10.22
N ASP B 196 12.38 3.89 10.64
CA ASP B 196 12.22 5.13 11.39
C ASP B 196 12.07 4.76 12.87
N ILE B 197 13.22 4.60 13.53
CA ILE B 197 13.23 4.10 14.90
C ILE B 197 12.62 5.14 15.83
N ARG B 198 11.64 4.71 16.62
CA ARG B 198 11.05 5.54 17.66
C ARG B 198 11.65 5.29 19.03
N ASP B 199 12.09 4.06 19.31
CA ASP B 199 12.75 3.74 20.57
C ASP B 199 13.78 2.66 20.29
N PHE B 200 15.06 3.00 20.52
CA PHE B 200 16.11 2.01 20.30
C PHE B 200 16.08 0.91 21.36
N TYR B 201 15.58 1.21 22.55
CA TYR B 201 15.62 0.28 23.67
C TYR B 201 14.35 -0.51 23.84
N LYS B 202 13.35 -0.30 22.97
CA LYS B 202 12.09 -1.04 23.05
C LYS B 202 11.86 -1.74 21.72
N VAL B 203 11.80 -3.08 21.77
CA VAL B 203 11.41 -3.84 20.59
C VAL B 203 9.92 -3.64 20.33
N LEU B 204 9.57 -3.62 19.04
CA LEU B 204 8.19 -3.45 18.60
C LEU B 204 7.27 -4.41 19.35
N PRO B 205 6.26 -3.91 20.08
CA PRO B 205 5.37 -4.81 20.82
C PRO B 205 4.63 -5.81 19.95
N GLU B 206 4.29 -5.45 18.71
CA GLU B 206 3.67 -6.40 17.79
C GLU B 206 4.55 -7.61 17.56
N PHE B 207 5.86 -7.50 17.79
CA PHE B 207 6.77 -8.63 17.71
C PHE B 207 6.95 -9.29 19.08
N GLY B 208 7.23 -8.50 20.12
CA GLY B 208 7.36 -9.07 21.44
C GLY B 208 8.19 -8.16 22.33
N THR B 209 8.79 -8.77 23.36
CA THR B 209 9.57 -8.08 24.37
C THR B 209 11.05 -8.37 24.18
N VAL B 210 11.88 -7.65 24.94
CA VAL B 210 13.32 -7.83 24.85
C VAL B 210 13.73 -9.20 25.37
N ASP B 211 13.07 -9.68 26.43
CA ASP B 211 13.37 -11.00 26.95
C ASP B 211 13.10 -12.09 25.92
N ASP B 212 12.15 -11.85 25.00
CA ASP B 212 11.97 -12.77 23.89
C ASP B 212 13.17 -12.75 22.94
N PHE B 213 13.82 -11.60 22.83
CA PHE B 213 15.03 -11.51 21.99
C PHE B 213 16.20 -12.22 22.66
N VAL B 214 16.29 -12.14 23.99
CA VAL B 214 17.34 -12.87 24.70
C VAL B 214 17.13 -14.36 24.56
N ALA B 215 15.87 -14.82 24.59
CA ALA B 215 15.60 -16.24 24.41
C ALA B 215 15.94 -16.71 23.01
N LEU B 216 15.72 -15.87 22.00
CA LEU B 216 16.07 -16.23 20.63
C LEU B 216 17.59 -16.34 20.48
N VAL B 217 18.32 -15.33 20.95
CA VAL B 217 19.77 -15.37 20.89
C VAL B 217 20.32 -16.57 21.64
N ASP B 218 19.65 -16.96 22.73
CA ASP B 218 20.07 -18.16 23.47
C ASP B 218 19.87 -19.41 22.62
N ALA B 219 18.65 -19.63 22.12
CA ALA B 219 18.33 -20.89 21.45
C ALA B 219 19.07 -21.00 20.12
N ALA B 220 19.13 -19.92 19.33
CA ALA B 220 19.92 -19.95 18.10
C ALA B 220 21.37 -20.25 18.40
N HIS B 221 21.85 -19.85 19.57
CA HIS B 221 23.23 -20.11 19.97
C HIS B 221 23.44 -21.57 20.38
N ARG B 222 22.42 -22.22 20.95
CA ARG B 222 22.55 -23.62 21.33
C ARG B 222 22.74 -24.53 20.12
N ARG B 223 22.40 -24.07 18.93
CA ARG B 223 22.52 -24.85 17.72
C ARG B 223 23.70 -24.43 16.85
N GLY B 224 24.43 -23.39 17.25
CA GLY B 224 25.56 -22.92 16.48
C GLY B 224 25.24 -21.86 15.46
N ILE B 225 24.18 -21.09 15.66
CA ILE B 225 23.75 -20.06 14.72
C ILE B 225 23.78 -18.71 15.44
N ARG B 226 24.17 -17.67 14.72
CA ARG B 226 24.33 -16.34 15.28
C ARG B 226 23.22 -15.41 14.79
N ILE B 227 23.16 -14.23 15.41
CA ILE B 227 22.12 -13.25 15.14
C ILE B 227 22.76 -11.89 14.89
N ILE B 228 22.38 -11.25 13.79
CA ILE B 228 22.74 -9.86 13.51
C ILE B 228 21.46 -9.12 13.14
N THR B 229 21.52 -7.80 13.19
CA THR B 229 20.36 -6.99 12.84
C THR B 229 20.82 -5.68 12.21
N ASP B 230 19.90 -5.07 11.46
CA ASP B 230 20.12 -3.71 11.00
C ASP B 230 20.03 -2.75 12.17
N LEU B 231 20.56 -1.54 11.95
CA LEU B 231 20.44 -0.46 12.93
C LEU B 231 20.66 0.85 12.19
N VAL B 232 19.61 1.66 12.11
CA VAL B 232 19.70 2.93 11.41
C VAL B 232 20.57 3.88 12.22
N MET B 233 21.61 4.43 11.58
CA MET B 233 22.54 5.34 12.22
C MET B 233 22.21 6.80 11.97
N ASN B 234 21.81 7.14 10.74
CA ASN B 234 21.76 8.55 10.36
C ASN B 234 20.57 9.27 10.99
N HIS B 235 19.43 8.59 11.14
CA HIS B 235 18.20 9.27 11.51
C HIS B 235 17.39 8.42 12.48
N THR B 236 16.47 9.08 13.17
CA THR B 236 15.40 8.46 13.93
C THR B 236 14.06 8.96 13.41
N SER B 237 12.98 8.58 14.07
CA SER B 237 11.66 9.04 13.69
C SER B 237 11.29 10.30 14.47
N GLU B 238 10.25 11.00 13.97
CA GLU B 238 9.72 12.14 14.70
C GLU B 238 9.25 11.74 16.09
N SER B 239 8.62 10.57 16.20
CA SER B 239 8.08 10.10 17.46
C SER B 239 9.14 9.70 18.47
N HIS B 240 10.42 9.73 18.09
CA HIS B 240 11.47 9.44 19.05
C HIS B 240 11.52 10.54 20.11
N PRO B 241 11.66 10.18 21.39
CA PRO B 241 11.67 11.22 22.44
C PRO B 241 12.81 12.22 22.29
N TRP B 242 13.92 11.83 21.66
CA TRP B 242 15.02 12.76 21.47
C TRP B 242 14.61 13.93 20.58
N PHE B 243 13.87 13.65 19.50
CA PHE B 243 13.44 14.73 18.62
C PHE B 243 12.39 15.60 19.28
N GLN B 244 11.40 14.97 19.94
CA GLN B 244 10.35 15.74 20.60
C GLN B 244 10.93 16.68 21.66
N GLU B 245 12.05 16.32 22.27
CA GLU B 245 12.69 17.22 23.21
C GLU B 245 13.42 18.34 22.50
N SER B 246 13.96 18.07 21.31
CA SER B 246 14.69 19.10 20.56
C SER B 246 13.76 20.22 20.12
N ARG B 247 12.57 19.87 19.60
CA ARG B 247 11.63 20.87 19.13
C ARG B 247 10.88 21.57 20.25
N ARG B 248 10.98 21.08 21.48
CA ARG B 248 10.28 21.65 22.62
C ARG B 248 11.21 22.30 23.64
N ASP B 249 12.36 21.67 23.94
CA ASP B 249 13.33 22.18 24.90
C ASP B 249 14.66 22.38 24.19
N PRO B 250 14.82 23.47 23.43
CA PRO B 250 16.11 23.72 22.78
C PRO B 250 17.24 23.93 23.76
N ASP B 251 16.97 24.59 24.90
CA ASP B 251 17.96 24.77 25.94
C ASP B 251 18.15 23.52 26.81
N GLY B 252 17.41 22.44 26.52
CA GLY B 252 17.55 21.22 27.27
C GLY B 252 18.72 20.38 26.79
N PRO B 253 18.86 19.20 27.38
CA PRO B 253 19.97 18.32 27.00
C PRO B 253 19.88 17.76 25.59
N TYR B 254 18.68 17.69 25.02
CA TYR B 254 18.48 17.12 23.70
C TYR B 254 18.13 18.16 22.65
N GLY B 255 18.46 19.44 22.90
CA GLY B 255 18.14 20.49 21.97
C GLY B 255 19.05 20.56 20.75
N ASP B 256 20.26 20.05 20.87
CA ASP B 256 21.21 20.02 19.75
C ASP B 256 21.47 18.60 19.26
N TYR B 257 20.60 17.65 19.62
CA TYR B 257 20.72 16.28 19.12
C TYR B 257 20.43 16.18 17.64
N TYR B 258 19.85 17.21 17.03
CA TYR B 258 19.52 17.22 15.62
C TYR B 258 20.03 18.52 14.99
N VAL B 259 20.05 18.55 13.67
CA VAL B 259 20.57 19.68 12.91
C VAL B 259 19.44 20.70 12.72
N TRP B 260 19.63 21.91 13.23
CA TRP B 260 18.64 22.97 13.12
C TRP B 260 19.28 24.19 12.48
N SER B 261 18.50 24.92 11.68
CA SER B 261 18.99 26.10 10.99
C SER B 261 17.81 27.02 10.68
N ASP B 262 18.07 28.33 10.76
CA ASP B 262 17.04 29.32 10.45
C ASP B 262 16.81 29.48 8.95
N THR B 263 17.66 28.91 8.11
CA THR B 263 17.52 29.03 6.67
C THR B 263 17.65 27.65 6.03
N SER B 264 17.09 27.54 4.82
CA SER B 264 17.21 26.33 4.03
C SER B 264 18.36 26.39 3.04
N GLU B 265 18.96 27.56 2.84
CA GLU B 265 20.10 27.70 1.94
C GLU B 265 21.39 27.29 2.63
N ARG B 266 21.42 26.07 3.18
CA ARG B 266 22.61 25.53 3.82
C ARG B 266 22.72 24.06 3.42
N TYR B 267 23.97 23.61 3.20
CA TYR B 267 24.23 22.26 2.70
C TYR B 267 23.54 22.02 1.37
N THR B 268 23.61 23.03 0.49
CA THR B 268 22.86 23.01 -0.76
C THR B 268 23.44 22.07 -1.80
N ASP B 269 24.69 21.65 -1.66
CA ASP B 269 25.33 20.81 -2.66
C ASP B 269 24.94 19.34 -2.56
N ALA B 270 24.21 18.95 -1.51
CA ALA B 270 23.80 17.57 -1.36
C ALA B 270 22.53 17.29 -2.16
N ARG B 271 22.49 16.12 -2.78
CA ARG B 271 21.34 15.73 -3.60
C ARG B 271 20.27 15.06 -2.74
N ILE B 272 19.05 15.07 -3.26
CA ILE B 272 17.90 14.49 -2.57
C ILE B 272 17.76 13.03 -3.00
N ILE B 273 17.79 12.13 -2.02
CA ILE B 273 17.68 10.70 -2.32
C ILE B 273 16.29 10.39 -2.88
N PHE B 274 15.25 10.65 -2.10
CA PHE B 274 13.87 10.39 -2.51
C PHE B 274 13.33 11.61 -3.25
N VAL B 275 13.86 11.81 -4.46
CA VAL B 275 13.51 12.99 -5.25
C VAL B 275 12.05 12.96 -5.71
N ASP B 276 11.40 11.81 -5.65
CA ASP B 276 10.01 11.69 -6.07
C ASP B 276 9.02 12.03 -4.97
N THR B 277 9.45 12.02 -3.71
CA THR B 277 8.58 12.31 -2.58
C THR B 277 8.94 13.59 -1.85
N GLU B 278 10.22 13.84 -1.62
CA GLU B 278 10.67 15.01 -0.88
C GLU B 278 11.24 16.06 -1.83
N GLU B 279 11.01 17.32 -1.48
CA GLU B 279 11.48 18.46 -2.27
C GLU B 279 12.73 19.10 -1.70
N SER B 280 13.08 18.81 -0.45
CA SER B 280 14.24 19.42 0.19
C SER B 280 14.58 18.61 1.43
N ASN B 281 15.87 18.53 1.73
CA ASN B 281 16.33 17.89 2.96
C ASN B 281 16.12 18.77 4.19
N TRP B 282 15.53 19.95 4.02
CA TRP B 282 15.17 20.84 5.11
C TRP B 282 13.65 20.90 5.22
N SER B 283 13.14 20.71 6.44
CA SER B 283 11.71 20.81 6.70
C SER B 283 11.48 21.73 7.88
N PHE B 284 10.43 22.54 7.82
CA PHE B 284 10.14 23.54 8.84
C PHE B 284 9.31 22.90 9.95
N ASP B 285 9.94 22.67 11.10
CA ASP B 285 9.21 22.13 12.24
C ASP B 285 8.27 23.20 12.80
N PRO B 286 7.00 22.87 13.04
CA PRO B 286 6.07 23.91 13.52
C PRO B 286 6.27 24.29 14.98
N VAL B 287 6.96 23.47 15.77
CA VAL B 287 7.16 23.75 17.18
C VAL B 287 8.37 24.67 17.35
N ARG B 288 9.56 24.17 17.03
CA ARG B 288 10.78 24.95 17.18
C ARG B 288 10.82 26.15 16.25
N ARG B 289 9.96 26.18 15.23
CA ARG B 289 9.98 27.23 14.21
C ARG B 289 11.37 27.32 13.56
N GLN B 290 11.94 26.15 13.25
CA GLN B 290 13.26 26.08 12.66
C GLN B 290 13.30 24.91 11.68
N PHE B 291 14.25 24.97 10.75
CA PHE B 291 14.43 23.90 9.78
C PHE B 291 15.27 22.79 10.38
N TYR B 292 14.83 21.54 10.23
CA TYR B 292 15.60 20.38 10.65
C TYR B 292 16.01 19.56 9.44
N TRP B 293 17.15 18.90 9.56
CA TRP B 293 17.80 18.23 8.44
C TRP B 293 17.36 16.77 8.38
N HIS B 294 16.72 16.38 7.28
CA HIS B 294 16.31 15.01 7.05
C HIS B 294 16.89 14.54 5.72
N ARG B 295 17.71 13.49 5.77
CA ARG B 295 18.35 12.99 4.55
C ARG B 295 17.46 12.01 3.79
N PHE B 296 16.39 11.51 4.41
CA PHE B 296 15.47 10.61 3.76
C PHE B 296 14.11 11.29 3.70
N PHE B 297 13.16 10.87 4.52
CA PHE B 297 11.82 11.44 4.54
C PHE B 297 11.68 12.47 5.64
N SER B 298 10.61 13.26 5.56
CA SER B 298 10.40 14.35 6.52
C SER B 298 10.25 13.83 7.94
N HIS B 299 9.65 12.66 8.11
CA HIS B 299 9.47 12.08 9.44
C HIS B 299 10.73 11.42 9.98
N GLN B 300 11.87 11.59 9.30
CA GLN B 300 13.14 10.98 9.71
C GLN B 300 14.21 12.04 9.84
N PRO B 301 14.21 12.79 10.94
CA PRO B 301 15.26 13.79 11.15
C PRO B 301 16.61 13.13 11.42
N ASP B 302 17.65 13.68 10.84
CA ASP B 302 18.98 13.10 10.93
C ASP B 302 19.62 13.40 12.29
N LEU B 303 20.35 12.43 12.82
CA LEU B 303 21.12 12.66 14.03
C LEU B 303 22.21 13.69 13.79
N ASN B 304 22.53 14.46 14.84
CA ASN B 304 23.58 15.46 14.78
C ASN B 304 24.82 14.89 15.48
N TYR B 305 25.60 14.12 14.70
CA TYR B 305 26.84 13.55 15.22
C TYR B 305 27.89 14.61 15.50
N ASP B 306 27.69 15.85 15.05
CA ASP B 306 28.54 16.95 15.48
C ASP B 306 28.47 17.15 16.98
N ASN B 307 27.41 16.66 17.62
CA ASN B 307 27.33 16.65 19.08
C ASN B 307 27.94 15.35 19.59
N PRO B 308 28.93 15.39 20.49
CA PRO B 308 29.55 14.15 20.96
C PRO B 308 28.66 13.32 21.86
N ALA B 309 27.68 13.93 22.53
CA ALA B 309 26.74 13.15 23.32
C ALA B 309 25.85 12.29 22.43
N VAL B 310 25.53 12.78 21.23
CA VAL B 310 24.81 11.95 20.26
C VAL B 310 25.64 10.71 19.93
N GLN B 311 26.91 10.90 19.61
CA GLN B 311 27.79 9.77 19.30
C GLN B 311 27.88 8.82 20.48
N GLU B 312 28.04 9.36 21.69
CA GLU B 312 28.12 8.49 22.87
C GLU B 312 26.81 7.76 23.12
N ALA B 313 25.67 8.40 22.80
CA ALA B 313 24.39 7.75 22.97
C ALA B 313 24.19 6.63 21.95
N MET B 314 24.59 6.88 20.69
CA MET B 314 24.41 5.88 19.65
C MET B 314 25.25 4.63 19.93
N ILE B 315 26.53 4.82 20.24
CA ILE B 315 27.39 3.69 20.59
C ILE B 315 26.93 3.02 21.86
N ASP B 316 26.25 3.75 22.75
CA ASP B 316 25.68 3.12 23.95
C ASP B 316 24.60 2.12 23.57
N VAL B 317 23.75 2.47 22.61
CA VAL B 317 22.78 1.53 22.07
C VAL B 317 23.48 0.30 21.50
N ILE B 318 24.69 0.48 20.97
CA ILE B 318 25.43 -0.64 20.43
C ILE B 318 25.90 -1.57 21.54
N ARG B 319 26.34 -1.00 22.68
CA ARG B 319 26.69 -1.86 23.81
C ARG B 319 25.46 -2.55 24.39
N PHE B 320 24.28 -1.92 24.24
CA PHE B 320 23.07 -2.48 24.84
C PHE B 320 22.73 -3.83 24.22
N TRP B 321 22.69 -3.91 22.90
CA TRP B 321 22.32 -5.15 22.23
C TRP B 321 23.47 -6.16 22.26
N LEU B 322 24.71 -5.69 22.10
CA LEU B 322 25.86 -6.57 22.25
C LEU B 322 25.96 -7.10 23.67
N GLY B 323 25.63 -6.26 24.66
CA GLY B 323 25.53 -6.71 26.03
C GLY B 323 24.45 -7.73 26.27
N LEU B 324 23.40 -7.75 25.43
CA LEU B 324 22.37 -8.76 25.53
C LEU B 324 22.83 -10.10 24.96
N GLY B 325 23.59 -10.07 23.86
CA GLY B 325 24.15 -11.28 23.31
C GLY B 325 24.23 -11.31 21.80
N ILE B 326 23.80 -10.23 21.14
CA ILE B 326 23.83 -10.22 19.68
C ILE B 326 25.28 -10.24 19.18
N ASP B 327 25.45 -10.70 17.94
CA ASP B 327 26.77 -10.93 17.39
C ASP B 327 27.14 -9.98 16.27
N GLY B 328 26.20 -9.19 15.75
CA GLY B 328 26.54 -8.35 14.61
C GLY B 328 25.57 -7.21 14.40
N PHE B 329 25.96 -6.33 13.49
CA PHE B 329 25.17 -5.16 13.14
C PHE B 329 25.46 -4.77 11.70
N ARG B 330 24.41 -4.47 10.94
CA ARG B 330 24.54 -3.80 9.65
C ARG B 330 24.20 -2.34 9.85
N LEU B 331 25.14 -1.44 9.53
CA LEU B 331 24.92 -0.02 9.74
C LEU B 331 24.21 0.56 8.54
N ASP B 332 23.07 1.17 8.79
CA ASP B 332 22.24 1.69 7.72
C ASP B 332 22.43 3.20 7.61
N ALA B 333 22.56 3.66 6.37
CA ALA B 333 22.64 5.10 6.06
C ALA B 333 23.87 5.74 6.70
N VAL B 334 25.00 5.05 6.65
CA VAL B 334 26.24 5.58 7.21
C VAL B 334 26.96 6.57 6.31
N PRO B 335 26.71 6.64 4.98
CA PRO B 335 27.34 7.72 4.21
C PRO B 335 26.76 9.10 4.46
N TYR B 336 25.82 9.22 5.41
CA TYR B 336 25.14 10.49 5.64
C TYR B 336 25.19 10.96 7.09
N LEU B 337 26.04 10.38 7.93
CA LEU B 337 26.11 10.78 9.34
C LEU B 337 26.46 12.25 9.47
N PHE B 338 27.62 12.65 8.96
CA PHE B 338 28.09 14.02 9.05
C PHE B 338 27.74 14.79 7.78
N GLU B 339 27.39 16.06 7.94
CA GLU B 339 27.06 16.94 6.83
C GLU B 339 27.81 18.25 7.00
N ARG B 340 28.56 18.64 5.98
CA ARG B 340 29.36 19.86 6.01
C ARG B 340 29.10 20.69 4.76
N GLU B 341 29.20 22.00 4.90
CA GLU B 341 28.90 22.92 3.81
C GLU B 341 29.94 22.81 2.70
N GLY B 342 29.48 23.01 1.46
CA GLY B 342 30.33 22.90 0.29
C GLY B 342 30.52 21.50 -0.22
N THR B 343 30.26 20.48 0.58
CA THR B 343 30.41 19.09 0.18
C THR B 343 29.05 18.51 -0.21
N ASN B 344 29.06 17.27 -0.69
CA ASN B 344 27.83 16.54 -0.93
C ASN B 344 27.25 15.93 0.34
N CYS B 345 27.86 16.21 1.50
CA CYS B 345 27.44 15.63 2.78
C CYS B 345 27.41 14.11 2.72
N GLU B 346 28.45 13.53 2.12
CA GLU B 346 28.50 12.10 1.90
C GLU B 346 29.95 11.64 1.91
N ASN B 347 30.19 10.52 2.60
CA ASN B 347 31.53 9.90 2.68
C ASN B 347 32.56 10.85 3.25
N LEU B 348 32.16 11.70 4.20
CA LEU B 348 33.07 12.65 4.78
C LEU B 348 34.05 11.94 5.73
N PRO B 349 35.27 12.46 5.87
CA PRO B 349 36.27 11.75 6.69
C PRO B 349 35.89 11.62 8.15
N GLU B 350 35.15 12.58 8.70
CA GLU B 350 34.73 12.48 10.09
C GLU B 350 33.66 11.41 10.28
N THR B 351 32.87 11.15 9.24
CA THR B 351 31.95 10.01 9.28
C THR B 351 32.72 8.70 9.41
N HIS B 352 33.77 8.56 8.60
CA HIS B 352 34.65 7.39 8.72
C HIS B 352 35.37 7.37 10.06
N ALA B 353 35.68 8.55 10.61
CA ALA B 353 36.35 8.59 11.91
C ALA B 353 35.45 8.03 13.01
N PHE B 354 34.16 8.35 12.96
CA PHE B 354 33.23 7.80 13.94
C PHE B 354 33.12 6.29 13.81
N LEU B 355 33.08 5.78 12.58
CA LEU B 355 33.04 4.33 12.38
C LEU B 355 34.27 3.65 12.97
N LYS B 356 35.44 4.27 12.83
CA LYS B 356 36.65 3.73 13.45
C LYS B 356 36.48 3.64 14.96
N ARG B 357 35.95 4.71 15.58
CA ARG B 357 35.76 4.70 17.02
C ARG B 357 34.81 3.60 17.46
N VAL B 358 33.72 3.42 16.73
CA VAL B 358 32.77 2.35 17.04
C VAL B 358 33.46 0.99 16.95
N ARG B 359 34.21 0.76 15.87
CA ARG B 359 34.85 -0.53 15.66
C ARG B 359 35.73 -0.92 16.83
N LYS B 360 36.49 0.04 17.37
CA LYS B 360 37.30 -0.26 18.56
C LYS B 360 36.39 -0.61 19.73
N VAL B 361 35.40 0.24 20.04
CA VAL B 361 34.49 0.04 21.17
C VAL B 361 34.01 -1.41 21.17
N VAL B 362 33.70 -1.94 19.99
CA VAL B 362 33.38 -3.36 19.88
C VAL B 362 34.63 -4.21 20.06
N ASP B 363 35.69 -3.90 19.30
CA ASP B 363 36.93 -4.70 19.37
C ASP B 363 37.42 -4.82 20.81
N ASP B 364 37.26 -3.78 21.60
CA ASP B 364 37.71 -3.80 23.00
C ASP B 364 36.69 -4.47 23.91
N GLU B 365 35.48 -3.92 23.98
CA GLU B 365 34.51 -4.36 24.98
C GLU B 365 33.74 -5.60 24.56
N PHE B 366 33.54 -5.81 23.26
CA PHE B 366 32.73 -6.91 22.74
C PHE B 366 33.53 -7.67 21.69
N PRO B 367 34.47 -8.52 22.13
CA PRO B 367 35.31 -9.22 21.16
C PRO B 367 34.54 -10.28 20.39
N GLY B 368 34.90 -10.44 19.12
CA GLY B 368 34.30 -11.47 18.29
C GLY B 368 32.99 -11.08 17.66
N ARG B 369 32.63 -9.80 17.64
CA ARG B 369 31.41 -9.36 16.98
C ARG B 369 31.71 -8.93 15.55
N VAL B 370 30.69 -8.44 14.85
CA VAL B 370 30.79 -8.14 13.43
C VAL B 370 30.00 -6.87 13.14
N LEU B 371 30.53 -6.03 12.25
CA LEU B 371 29.92 -4.76 11.91
C LEU B 371 29.84 -4.70 10.38
N LEU B 372 28.62 -4.58 9.85
CA LEU B 372 28.39 -4.52 8.41
C LEU B 372 27.93 -3.13 8.00
N ALA B 373 28.12 -2.80 6.72
CA ALA B 373 27.86 -1.45 6.22
C ALA B 373 26.96 -1.52 5.00
N GLU B 374 25.76 -0.94 5.12
CA GLU B 374 24.90 -0.73 3.96
C GLU B 374 25.35 0.55 3.25
N ALA B 375 25.92 0.39 2.05
CA ALA B 375 26.47 1.53 1.31
C ALA B 375 26.22 1.32 -0.17
N ASN B 376 25.25 2.06 -0.71
CA ASN B 376 24.93 2.06 -2.13
C ASN B 376 26.02 2.77 -2.93
N GLN B 377 27.22 2.21 -2.97
CA GLN B 377 28.34 2.85 -3.66
C GLN B 377 29.06 1.84 -4.54
N TRP B 378 29.64 2.35 -5.63
CA TRP B 378 30.39 1.51 -6.56
C TRP B 378 31.64 0.96 -5.88
N PRO B 379 32.06 -0.25 -6.22
CA PRO B 379 33.29 -0.81 -5.64
C PRO B 379 34.49 0.09 -5.91
N GLY B 380 35.21 0.41 -4.83
CA GLY B 380 36.22 1.45 -4.83
C GLY B 380 35.86 2.62 -3.95
N ASP B 381 34.57 2.89 -3.80
CA ASP B 381 34.06 3.81 -2.78
C ASP B 381 33.58 3.10 -1.53
N VAL B 382 33.08 1.87 -1.66
CA VAL B 382 32.67 1.10 -0.48
C VAL B 382 33.88 0.57 0.26
N VAL B 383 34.98 0.29 -0.45
CA VAL B 383 36.19 -0.22 0.20
C VAL B 383 36.72 0.77 1.23
N GLU B 384 36.37 2.05 1.09
CA GLU B 384 36.74 3.03 2.11
C GLU B 384 36.11 2.69 3.45
N TYR B 385 34.92 2.08 3.44
CA TYR B 385 34.24 1.72 4.68
C TYR B 385 34.80 0.45 5.31
N PHE B 386 35.70 -0.25 4.62
CA PHE B 386 36.50 -1.27 5.27
C PHE B 386 37.58 -0.65 6.15
N GLY B 387 37.97 0.59 5.86
CA GLY B 387 38.98 1.30 6.60
C GLY B 387 40.28 1.44 5.83
N ASP B 388 41.33 1.78 6.55
CA ASP B 388 42.65 1.85 5.95
C ASP B 388 43.20 0.44 5.74
N PRO B 389 43.66 0.11 4.53
CA PRO B 389 44.14 -1.27 4.30
C PRO B 389 45.32 -1.66 5.18
N ASN B 390 46.20 -0.70 5.49
CA ASN B 390 47.37 -1.01 6.31
C ASN B 390 46.98 -1.47 7.71
N THR B 391 45.87 -0.95 8.25
CA THR B 391 45.43 -1.33 9.58
C THR B 391 44.97 -2.79 9.64
N GLY B 392 44.64 -3.38 8.51
CA GLY B 392 44.04 -4.71 8.53
C GLY B 392 42.61 -4.72 9.00
N GLY B 393 41.92 -3.59 8.91
CA GLY B 393 40.54 -3.50 9.35
C GLY B 393 40.36 -2.68 10.60
N ASP B 394 40.03 -1.40 10.44
CA ASP B 394 39.71 -0.53 11.58
C ASP B 394 38.28 0.02 11.51
N GLU B 395 37.47 -0.48 10.57
CA GLU B 395 36.07 -0.07 10.46
C GLU B 395 35.17 -1.28 10.33
N CYS B 396 34.16 -1.19 9.47
CA CYS B 396 33.21 -2.29 9.31
C CYS B 396 33.91 -3.55 8.81
N HIS B 397 33.60 -4.68 9.44
CA HIS B 397 34.19 -5.94 9.03
C HIS B 397 33.77 -6.35 7.62
N MET B 398 32.55 -6.01 7.22
CA MET B 398 32.00 -6.42 5.94
C MET B 398 31.33 -5.25 5.25
N ALA B 399 31.52 -5.16 3.94
CA ALA B 399 30.75 -4.27 3.07
C ALA B 399 30.16 -5.11 1.95
N PHE B 400 28.98 -4.69 1.48
CA PHE B 400 28.22 -5.47 0.52
C PHE B 400 28.57 -5.05 -0.91
N HIS B 401 28.89 -6.03 -1.74
CA HIS B 401 29.18 -5.79 -3.15
C HIS B 401 27.85 -5.74 -3.90
N PHE B 402 27.33 -4.52 -4.06
CA PHE B 402 26.00 -4.35 -4.64
C PHE B 402 25.94 -4.69 -6.13
N PRO B 403 26.83 -4.17 -7.00
CA PRO B 403 26.62 -4.38 -8.44
C PRO B 403 26.94 -5.80 -8.91
N LEU B 404 26.86 -6.79 -8.02
CA LEU B 404 27.19 -8.15 -8.42
C LEU B 404 26.16 -8.73 -9.38
N MET B 405 24.96 -9.01 -8.91
CA MET B 405 23.95 -9.56 -9.83
C MET B 405 23.56 -8.61 -10.95
N PRO B 406 23.41 -7.28 -10.74
CA PRO B 406 23.16 -6.39 -11.89
C PRO B 406 24.06 -6.68 -13.08
N ARG B 407 25.28 -7.15 -12.80
CA ARG B 407 26.16 -7.63 -13.86
C ARG B 407 25.87 -9.09 -14.20
N ILE B 408 25.63 -9.93 -13.19
CA ILE B 408 25.32 -11.33 -13.43
C ILE B 408 24.05 -11.44 -14.26
N PHE B 409 23.03 -10.65 -13.94
CA PHE B 409 21.80 -10.66 -14.71
C PHE B 409 22.05 -10.29 -16.16
N MET B 410 22.79 -9.21 -16.40
CA MET B 410 23.05 -8.78 -17.78
C MET B 410 23.96 -9.76 -18.50
N ALA B 411 24.79 -10.50 -17.76
CA ALA B 411 25.70 -11.44 -18.40
C ALA B 411 24.96 -12.64 -18.97
N VAL B 412 24.06 -13.24 -18.18
CA VAL B 412 23.29 -14.38 -18.67
C VAL B 412 22.32 -13.96 -19.76
N ARG B 413 21.90 -12.70 -19.78
CA ARG B 413 21.06 -12.21 -20.87
C ARG B 413 21.89 -11.90 -22.12
N ARG B 414 23.15 -11.50 -21.94
CA ARG B 414 24.06 -11.30 -23.05
C ARG B 414 24.91 -12.55 -23.33
N GLU B 415 24.80 -13.58 -22.49
CA GLU B 415 25.48 -14.86 -22.69
C GLU B 415 26.98 -14.67 -22.85
N SER B 416 27.57 -13.89 -21.94
CA SER B 416 28.99 -13.63 -21.95
C SER B 416 29.47 -13.42 -20.53
N ARG B 417 30.68 -13.92 -20.24
CA ARG B 417 31.25 -13.80 -18.90
C ARG B 417 31.85 -12.43 -18.62
N PHE B 418 32.08 -11.63 -19.66
CA PHE B 418 32.77 -10.35 -19.48
C PHE B 418 32.10 -9.43 -18.48
N PRO B 419 30.77 -9.26 -18.43
CA PRO B 419 30.18 -8.40 -17.40
C PRO B 419 30.52 -8.81 -15.98
N ILE B 420 30.77 -10.10 -15.74
CA ILE B 420 31.14 -10.54 -14.40
C ILE B 420 32.65 -10.45 -14.18
N SER B 421 33.44 -10.84 -15.19
CA SER B 421 34.88 -10.78 -15.05
C SER B 421 35.39 -9.36 -14.84
N GLU B 422 34.67 -8.37 -15.38
CA GLU B 422 35.12 -6.99 -15.28
C GLU B 422 35.04 -6.49 -13.84
N ILE B 423 33.85 -6.57 -13.24
CA ILE B 423 33.66 -6.04 -11.88
C ILE B 423 34.54 -6.76 -10.87
N ILE B 424 34.95 -8.00 -11.16
CA ILE B 424 35.81 -8.72 -10.24
C ILE B 424 37.23 -8.16 -10.29
N ALA B 425 37.76 -7.93 -11.50
CA ALA B 425 39.07 -7.31 -11.62
C ALA B 425 39.05 -5.86 -11.14
N GLN B 426 37.97 -5.15 -11.43
CA GLN B 426 37.81 -3.77 -10.97
C GLN B 426 37.61 -3.68 -9.47
N THR B 427 37.20 -4.78 -8.83
CA THR B 427 37.05 -4.79 -7.38
C THR B 427 38.41 -4.63 -6.72
N PRO B 428 38.56 -3.69 -5.78
CA PRO B 428 39.84 -3.52 -5.11
C PRO B 428 40.07 -4.59 -4.05
N PRO B 429 41.31 -4.80 -3.63
CA PRO B 429 41.55 -5.71 -2.51
C PRO B 429 40.99 -5.15 -1.22
N ILE B 430 40.78 -6.05 -0.26
CA ILE B 430 40.20 -5.69 1.04
C ILE B 430 41.12 -6.21 2.13
N PRO B 431 40.99 -5.68 3.35
CA PRO B 431 41.78 -6.23 4.47
C PRO B 431 41.58 -7.73 4.61
N ASP B 432 42.66 -8.41 5.03
CA ASP B 432 42.63 -9.87 5.10
C ASP B 432 41.55 -10.36 6.07
N MET B 433 41.35 -9.66 7.17
CA MET B 433 40.33 -10.01 8.14
C MET B 433 38.96 -9.42 7.81
N ALA B 434 38.71 -9.12 6.53
CA ALA B 434 37.45 -8.58 6.06
C ALA B 434 36.86 -9.50 5.02
N GLN B 435 35.59 -9.25 4.67
CA GLN B 435 34.89 -10.10 3.73
C GLN B 435 33.81 -9.30 3.01
N TRP B 436 33.74 -9.47 1.69
CA TRP B 436 32.67 -8.85 0.93
C TRP B 436 31.33 -9.53 1.24
N GLY B 437 30.27 -8.73 1.20
CA GLY B 437 28.93 -9.27 1.40
C GLY B 437 28.18 -9.41 0.09
N ILE B 438 27.93 -10.66 -0.32
CA ILE B 438 27.28 -10.94 -1.59
C ILE B 438 25.89 -11.50 -1.32
N PHE B 439 24.87 -10.80 -1.77
CA PHE B 439 23.51 -11.32 -1.75
C PHE B 439 22.91 -11.21 -3.15
N LEU B 440 21.81 -11.94 -3.35
CA LEU B 440 21.12 -11.96 -4.63
C LEU B 440 19.98 -10.95 -4.60
N ARG B 441 20.35 -9.69 -4.85
CA ARG B 441 19.38 -8.64 -5.09
C ARG B 441 20.09 -7.52 -5.84
N ASN B 442 19.28 -6.63 -6.43
CA ASN B 442 19.81 -5.52 -7.22
C ASN B 442 19.74 -4.18 -6.52
N HIS B 443 18.76 -3.98 -5.64
CA HIS B 443 18.60 -2.74 -4.92
C HIS B 443 18.63 -3.02 -3.42
N ASP B 444 18.99 -1.99 -2.65
CA ASP B 444 19.02 -2.12 -1.20
C ASP B 444 17.66 -1.78 -0.60
N GLU B 445 17.36 -2.40 0.54
CA GLU B 445 16.04 -2.34 1.14
C GLU B 445 15.73 -1.02 1.84
N LEU B 446 16.56 0.00 1.66
CA LEU B 446 16.29 1.33 2.21
C LEU B 446 15.97 2.33 1.11
N THR B 447 16.88 2.51 0.16
CA THR B 447 16.66 3.37 -1.00
C THR B 447 16.62 2.46 -2.23
N LEU B 448 15.41 2.13 -2.68
CA LEU B 448 15.23 1.19 -3.78
C LEU B 448 15.93 1.66 -5.05
N GLU B 449 17.25 1.77 -5.01
CA GLU B 449 18.05 2.23 -6.13
C GLU B 449 19.20 1.25 -6.37
N MET B 450 19.68 1.23 -7.60
CA MET B 450 20.74 0.31 -8.01
C MET B 450 22.07 1.05 -8.09
N VAL B 451 23.13 0.38 -7.63
CA VAL B 451 24.47 0.97 -7.70
C VAL B 451 24.89 1.09 -9.16
N THR B 452 25.30 2.29 -9.56
CA THR B 452 25.83 2.51 -10.89
C THR B 452 26.76 3.71 -10.84
N ASP B 453 27.67 3.76 -11.82
CA ASP B 453 28.67 4.83 -11.89
C ASP B 453 28.83 5.22 -13.35
N GLU B 454 28.54 6.49 -13.66
CA GLU B 454 28.63 6.95 -15.04
C GLU B 454 30.03 6.81 -15.60
N GLU B 455 31.04 6.82 -14.75
CA GLU B 455 32.44 6.81 -15.18
C GLU B 455 33.09 5.44 -15.14
N ARG B 456 32.76 4.61 -14.13
CA ARG B 456 33.44 3.35 -13.92
C ARG B 456 32.56 2.13 -14.18
N ASP B 457 31.41 2.32 -14.82
CA ASP B 457 30.52 1.21 -15.17
C ASP B 457 30.30 1.25 -16.68
N TYR B 458 30.95 0.34 -17.40
CA TYR B 458 30.77 0.30 -18.85
C TYR B 458 29.39 -0.18 -19.24
N MET B 459 28.69 -0.87 -18.34
CA MET B 459 27.33 -1.32 -18.57
C MET B 459 26.29 -0.27 -18.18
N TYR B 460 26.73 0.96 -17.89
CA TYR B 460 25.83 1.96 -17.31
C TYR B 460 24.60 2.20 -18.18
N ALA B 461 24.80 2.45 -19.46
CA ALA B 461 23.71 2.74 -20.37
C ALA B 461 23.07 1.49 -20.96
N GLU B 462 23.44 0.30 -20.48
CA GLU B 462 22.95 -0.94 -21.05
C GLU B 462 21.87 -1.61 -20.21
N TYR B 463 21.78 -1.30 -18.91
CA TYR B 463 20.72 -1.87 -18.09
C TYR B 463 19.35 -1.45 -18.60
N ALA B 464 19.20 -0.18 -18.99
CA ALA B 464 17.94 0.31 -19.50
C ALA B 464 17.55 -0.33 -20.82
N LYS B 465 18.50 -0.93 -21.54
CA LYS B 465 18.23 -1.64 -22.77
C LYS B 465 17.75 -3.06 -22.54
N ASP B 466 17.41 -3.41 -21.30
CA ASP B 466 16.89 -4.74 -20.95
C ASP B 466 15.46 -4.58 -20.44
N PRO B 467 14.46 -5.19 -21.09
CA PRO B 467 13.08 -4.98 -20.65
C PRO B 467 12.81 -5.46 -19.24
N ARG B 468 13.37 -6.62 -18.85
CA ARG B 468 13.20 -7.10 -17.49
C ARG B 468 13.81 -6.14 -16.48
N MET B 469 14.97 -5.56 -16.82
CA MET B 469 15.59 -4.59 -15.93
C MET B 469 14.82 -3.27 -15.93
N LYS B 470 14.42 -2.81 -17.11
CA LYS B 470 13.71 -1.53 -17.21
C LYS B 470 12.35 -1.57 -16.53
N ALA B 471 11.76 -2.75 -16.40
CA ALA B 471 10.44 -2.88 -15.80
C ALA B 471 10.49 -3.01 -14.29
N ASN B 472 11.48 -3.74 -13.76
CA ASN B 472 11.62 -3.96 -12.33
C ASN B 472 12.50 -2.92 -11.65
N VAL B 473 12.56 -1.70 -12.19
CA VAL B 473 13.37 -0.63 -11.62
C VAL B 473 12.68 -0.10 -10.37
N GLY B 474 13.44 0.05 -9.29
CA GLY B 474 12.90 0.49 -8.02
C GLY B 474 12.09 -0.55 -7.28
N ILE B 475 11.99 -1.77 -7.81
CA ILE B 475 11.23 -2.85 -7.22
C ILE B 475 12.21 -3.91 -6.76
N ARG B 476 12.17 -4.25 -5.47
CA ARG B 476 12.94 -5.38 -4.97
C ARG B 476 12.15 -6.65 -5.20
N ARG B 477 12.72 -7.56 -6.00
CA ARG B 477 12.05 -8.79 -6.40
C ARG B 477 12.85 -10.00 -5.93
N ARG B 478 12.15 -11.12 -5.76
CA ARG B 478 12.80 -12.37 -5.39
C ARG B 478 13.50 -12.99 -6.60
N LEU B 479 14.32 -14.00 -6.32
CA LEU B 479 15.14 -14.61 -7.36
C LEU B 479 14.27 -15.29 -8.43
N ALA B 480 13.27 -16.05 -8.00
CA ALA B 480 12.45 -16.79 -8.95
C ALA B 480 11.70 -15.88 -9.92
N PRO B 481 10.94 -14.86 -9.48
CA PRO B 481 10.29 -13.98 -10.47
C PRO B 481 11.30 -13.20 -11.29
N LEU B 482 12.48 -12.92 -10.75
CA LEU B 482 13.51 -12.24 -11.51
C LEU B 482 14.00 -13.09 -12.68
N LEU B 483 14.02 -14.42 -12.52
CA LEU B 483 14.47 -15.32 -13.55
C LEU B 483 13.32 -16.08 -14.22
N ASP B 484 12.11 -15.55 -14.12
CA ASP B 484 10.92 -16.13 -14.76
C ASP B 484 10.69 -17.58 -14.33
N ASN B 485 11.04 -17.88 -13.08
CA ASN B 485 10.89 -19.22 -12.49
C ASN B 485 11.65 -20.30 -13.26
N ASP B 486 12.65 -19.91 -14.05
CA ASP B 486 13.49 -20.88 -14.74
C ASP B 486 14.33 -21.62 -13.70
N ARG B 487 14.01 -22.90 -13.47
CA ARG B 487 14.73 -23.68 -12.47
C ARG B 487 16.22 -23.75 -12.80
N ASN B 488 16.56 -23.89 -14.09
CA ASN B 488 17.96 -23.95 -14.48
C ASN B 488 18.70 -22.67 -14.11
N GLN B 489 18.06 -21.51 -14.30
CA GLN B 489 18.71 -20.25 -13.97
C GLN B 489 18.76 -20.03 -12.46
N ILE B 490 17.71 -20.44 -11.75
CA ILE B 490 17.72 -20.31 -10.29
C ILE B 490 18.85 -21.12 -9.69
N GLU B 491 19.06 -22.34 -10.19
CA GLU B 491 20.19 -23.14 -9.72
C GLU B 491 21.52 -22.53 -10.14
N LEU B 492 21.55 -21.81 -11.27
CA LEU B 492 22.79 -21.21 -11.73
C LEU B 492 23.17 -19.99 -10.90
N PHE B 493 22.20 -19.10 -10.66
CA PHE B 493 22.48 -17.92 -9.84
C PHE B 493 22.84 -18.30 -8.42
N THR B 494 22.22 -19.37 -7.89
CA THR B 494 22.56 -19.83 -6.55
C THR B 494 23.96 -20.45 -6.51
N ALA B 495 24.37 -21.13 -7.58
CA ALA B 495 25.73 -21.67 -7.64
C ALA B 495 26.77 -20.56 -7.62
N LEU B 496 26.48 -19.45 -8.30
CA LEU B 496 27.40 -18.32 -8.29
C LEU B 496 27.48 -17.69 -6.90
N LEU B 497 26.32 -17.44 -6.29
CA LEU B 497 26.30 -16.79 -4.98
C LEU B 497 26.99 -17.64 -3.92
N LEU B 498 26.95 -18.96 -4.06
CA LEU B 498 27.54 -19.87 -3.09
C LEU B 498 28.97 -20.26 -3.43
N SER B 499 29.57 -19.63 -4.45
CA SER B 499 30.93 -19.93 -4.85
C SER B 499 31.80 -18.71 -5.10
N LEU B 500 31.21 -17.53 -5.26
CA LEU B 500 31.98 -16.32 -5.50
C LEU B 500 32.62 -15.83 -4.20
N PRO B 501 33.73 -15.10 -4.28
CA PRO B 501 34.43 -14.67 -3.06
C PRO B 501 33.56 -13.75 -2.21
N GLY B 502 33.34 -14.16 -0.96
CA GLY B 502 32.52 -13.39 -0.04
C GLY B 502 31.53 -14.24 0.72
N SER B 503 30.94 -13.67 1.77
CA SER B 503 29.95 -14.39 2.55
C SER B 503 28.56 -14.19 1.94
N PRO B 504 27.85 -15.28 1.64
CA PRO B 504 26.56 -15.14 0.96
C PRO B 504 25.42 -14.85 1.91
N VAL B 505 24.44 -14.09 1.41
CA VAL B 505 23.23 -13.74 2.15
C VAL B 505 22.03 -14.25 1.36
N LEU B 506 21.18 -15.04 2.03
CA LEU B 506 20.01 -15.63 1.40
C LEU B 506 18.75 -14.94 1.95
N TYR B 507 17.89 -14.49 1.05
CA TYR B 507 16.60 -13.95 1.47
C TYR B 507 15.64 -15.09 1.79
N TYR B 508 14.79 -14.87 2.80
CA TYR B 508 13.86 -15.90 3.20
C TYR B 508 12.85 -16.18 2.09
N GLY B 509 12.68 -17.46 1.76
CA GLY B 509 11.75 -17.89 0.75
C GLY B 509 12.38 -18.17 -0.60
N ASP B 510 13.49 -17.50 -0.93
CA ASP B 510 14.16 -17.77 -2.19
C ASP B 510 14.70 -19.20 -2.28
N GLU B 511 14.84 -19.89 -1.14
CA GLU B 511 15.34 -21.25 -1.13
C GLU B 511 14.30 -22.26 -1.63
N ILE B 512 13.01 -21.91 -1.58
CA ILE B 512 11.96 -22.77 -2.12
C ILE B 512 11.35 -22.22 -3.39
N GLY B 513 11.68 -20.98 -3.78
CA GLY B 513 11.16 -20.42 -5.01
C GLY B 513 9.97 -19.52 -4.84
N MET B 514 9.87 -18.80 -3.72
CA MET B 514 8.73 -17.92 -3.50
C MET B 514 8.76 -16.74 -4.47
N GLY B 515 7.60 -16.15 -4.67
CA GLY B 515 7.45 -14.99 -5.53
C GLY B 515 7.25 -13.72 -4.74
N ASP B 516 6.50 -12.77 -5.31
CA ASP B 516 6.26 -11.51 -4.62
C ASP B 516 4.95 -10.90 -5.13
N VAL B 517 4.31 -10.15 -4.24
CA VAL B 517 3.12 -9.39 -4.62
C VAL B 517 3.51 -7.93 -4.76
N ILE B 518 4.07 -7.57 -5.91
CA ILE B 518 4.64 -6.23 -6.08
C ILE B 518 3.58 -5.15 -5.93
N TRP B 519 2.31 -5.49 -6.18
CA TRP B 519 1.24 -4.51 -6.01
C TRP B 519 1.10 -4.07 -4.56
N LEU B 520 1.62 -4.84 -3.61
CA LEU B 520 1.55 -4.48 -2.19
C LEU B 520 2.58 -3.43 -1.79
N GLY B 521 3.56 -3.16 -2.64
CA GLY B 521 4.59 -2.17 -2.36
C GLY B 521 5.87 -2.52 -3.10
N ASP B 522 6.61 -1.46 -3.45
CA ASP B 522 7.88 -1.65 -4.15
C ASP B 522 8.93 -2.29 -3.24
N ARG B 523 8.73 -2.25 -1.93
CA ARG B 523 9.58 -2.93 -0.96
C ARG B 523 8.81 -3.96 -0.15
N ASP B 524 7.56 -3.69 0.19
CA ASP B 524 6.75 -4.63 0.96
C ASP B 524 6.30 -5.82 0.12
N GLY B 525 6.32 -5.70 -1.21
CA GLY B 525 5.89 -6.81 -2.05
C GLY B 525 6.74 -8.06 -1.88
N VAL B 526 8.04 -7.87 -1.62
CA VAL B 526 8.91 -9.01 -1.34
C VAL B 526 8.82 -9.47 0.10
N ARG B 527 8.09 -8.75 0.94
CA ARG B 527 7.99 -9.05 2.37
C ARG B 527 6.65 -9.72 2.68
N ILE B 528 6.41 -10.85 2.04
CA ILE B 528 5.17 -11.59 2.20
C ILE B 528 5.39 -12.73 3.21
N PRO B 529 4.35 -13.24 3.84
CA PRO B 529 4.55 -14.30 4.84
C PRO B 529 5.22 -15.53 4.24
N MET B 530 6.11 -16.14 5.02
CA MET B 530 6.79 -17.35 4.58
C MET B 530 5.80 -18.47 4.38
N GLN B 531 5.88 -19.14 3.23
CA GLN B 531 4.95 -20.21 2.87
C GLN B 531 5.47 -21.52 3.42
N TRP B 532 4.84 -21.99 4.50
CA TRP B 532 5.28 -23.22 5.17
C TRP B 532 4.51 -24.44 4.66
N THR B 533 3.20 -24.44 4.81
CA THR B 533 2.34 -25.55 4.46
C THR B 533 1.25 -25.07 3.52
N PRO B 534 0.57 -25.99 2.83
CA PRO B 534 -0.60 -25.58 2.04
C PRO B 534 -1.84 -25.38 2.89
N ASP B 535 -1.68 -25.24 4.19
CA ASP B 535 -2.78 -25.03 5.11
C ASP B 535 -3.23 -23.57 5.07
N ARG B 536 -4.11 -23.20 6.00
CA ARG B 536 -4.57 -21.82 6.07
C ARG B 536 -3.43 -20.89 6.49
N ASN B 537 -3.37 -19.71 5.87
CA ASN B 537 -2.31 -18.73 6.12
C ASN B 537 -0.93 -19.32 5.86
N ALA B 538 -0.86 -20.31 4.97
CA ALA B 538 0.40 -20.98 4.61
C ALA B 538 1.09 -21.58 5.83
N GLY B 539 0.33 -21.95 6.85
CA GLY B 539 0.88 -22.44 8.09
C GLY B 539 1.68 -21.43 8.89
N PHE B 540 1.70 -20.16 8.47
CA PHE B 540 2.46 -19.14 9.18
C PHE B 540 1.72 -18.63 10.41
N SER B 541 0.39 -18.62 10.39
CA SER B 541 -0.39 -18.18 11.53
C SER B 541 -1.68 -18.97 11.61
N THR B 542 -2.06 -19.35 12.84
CA THR B 542 -3.31 -20.04 13.08
C THR B 542 -4.46 -19.09 13.40
N ALA B 543 -4.40 -17.86 12.90
CA ALA B 543 -5.38 -16.83 13.19
C ALA B 543 -6.27 -16.59 11.98
N ASN B 544 -7.16 -15.61 12.12
CA ASN B 544 -8.08 -15.26 11.04
C ASN B 544 -7.30 -14.67 9.87
N PRO B 545 -7.66 -15.01 8.63
CA PRO B 545 -6.92 -14.44 7.49
C PRO B 545 -7.09 -12.93 7.37
N GLY B 546 -8.25 -12.40 7.75
CA GLY B 546 -8.45 -10.96 7.70
C GLY B 546 -7.66 -10.20 8.74
N ARG B 547 -7.16 -10.87 9.76
CA ARG B 547 -6.39 -10.24 10.82
C ARG B 547 -4.88 -10.34 10.60
N LEU B 548 -4.45 -10.98 9.51
CA LEU B 548 -3.02 -11.11 9.23
C LEU B 548 -2.43 -9.76 8.84
N TYR B 549 -1.12 -9.65 8.97
CA TYR B 549 -0.44 -8.41 8.58
C TYR B 549 -0.44 -8.24 7.07
N LEU B 550 -0.25 -9.33 6.33
CA LEU B 550 -0.25 -9.33 4.88
C LEU B 550 -0.79 -10.67 4.42
N PRO B 551 -1.55 -10.71 3.33
CA PRO B 551 -2.12 -11.98 2.88
C PRO B 551 -1.05 -12.86 2.24
N PRO B 552 -1.00 -14.13 2.59
CA PRO B 552 -0.08 -15.05 1.92
C PRO B 552 -0.39 -15.13 0.43
N SER B 553 0.66 -15.23 -0.37
CA SER B 553 0.50 -15.21 -1.83
C SER B 553 -0.36 -16.37 -2.30
N GLN B 554 -1.44 -16.07 -2.99
CA GLN B 554 -2.29 -17.08 -3.63
C GLN B 554 -2.09 -17.12 -5.13
N ASP B 555 -0.87 -16.78 -5.58
CA ASP B 555 -0.55 -16.77 -6.99
C ASP B 555 -0.58 -18.19 -7.55
N PRO B 556 -1.08 -18.38 -8.77
CA PRO B 556 -1.23 -19.74 -9.30
C PRO B 556 0.07 -20.54 -9.38
N VAL B 557 1.21 -19.88 -9.58
CA VAL B 557 2.48 -20.58 -9.68
C VAL B 557 3.38 -20.34 -8.47
N TYR B 558 3.34 -19.15 -7.86
CA TYR B 558 4.21 -18.83 -6.73
C TYR B 558 3.51 -18.95 -5.38
N GLY B 559 2.23 -19.29 -5.35
CA GLY B 559 1.49 -19.31 -4.10
C GLY B 559 1.89 -20.46 -3.19
N TYR B 560 1.40 -20.38 -1.95
CA TYR B 560 1.73 -21.39 -0.95
C TYR B 560 1.11 -22.74 -1.30
N GLN B 561 -0.08 -22.75 -1.90
CA GLN B 561 -0.70 -24.00 -2.33
C GLN B 561 0.19 -24.75 -3.31
N ALA B 562 0.97 -24.04 -4.12
CA ALA B 562 1.82 -24.64 -5.13
C ALA B 562 3.26 -24.82 -4.66
N VAL B 563 3.79 -23.90 -3.85
CA VAL B 563 5.15 -24.01 -3.36
C VAL B 563 5.17 -23.67 -1.87
N ASN B 564 5.73 -24.58 -1.07
CA ASN B 564 5.92 -24.37 0.36
C ASN B 564 7.00 -25.33 0.82
N VAL B 565 7.47 -25.15 2.06
CA VAL B 565 8.57 -25.98 2.56
C VAL B 565 8.12 -27.44 2.68
N GLU B 566 6.86 -27.66 3.07
CA GLU B 566 6.38 -29.03 3.29
C GLU B 566 6.42 -29.84 1.99
N ALA B 567 5.87 -29.27 0.91
CA ALA B 567 5.86 -29.98 -0.36
C ALA B 567 7.27 -30.21 -0.89
N GLN B 568 8.14 -29.21 -0.74
CA GLN B 568 9.52 -29.35 -1.24
C GLN B 568 10.33 -30.28 -0.35
N ARG B 569 10.08 -30.25 0.96
CA ARG B 569 10.83 -31.11 1.87
C ARG B 569 10.57 -32.59 1.58
N ASP B 570 9.31 -32.93 1.28
CA ASP B 570 8.91 -34.30 1.01
C ASP B 570 9.11 -34.70 -0.44
N THR B 571 10.04 -34.07 -1.16
CA THR B 571 10.26 -34.37 -2.56
C THR B 571 11.73 -34.18 -2.88
N SER B 572 12.37 -35.23 -3.38
CA SER B 572 13.67 -35.06 -4.00
C SER B 572 13.51 -34.26 -5.30
N THR B 573 14.64 -33.78 -5.82
CA THR B 573 14.69 -32.88 -6.97
C THR B 573 13.91 -31.60 -6.73
N SER B 574 13.62 -31.27 -5.47
CA SER B 574 12.99 -30.01 -5.11
C SER B 574 14.07 -28.95 -4.92
N LEU B 575 13.68 -27.69 -5.19
CA LEU B 575 14.65 -26.60 -5.09
C LEU B 575 15.19 -26.45 -3.68
N LEU B 576 14.34 -26.75 -2.67
CA LEU B 576 14.80 -26.70 -1.29
C LEU B 576 15.93 -27.69 -1.04
N ASN B 577 15.78 -28.91 -1.55
CA ASN B 577 16.83 -29.91 -1.36
C ASN B 577 18.08 -29.56 -2.16
N PHE B 578 17.92 -28.90 -3.31
CA PHE B 578 19.08 -28.42 -4.05
C PHE B 578 19.85 -27.40 -3.25
N THR B 579 19.16 -26.38 -2.72
CA THR B 579 19.81 -25.36 -1.92
C THR B 579 20.49 -25.96 -0.70
N ARG B 580 19.81 -26.89 -0.02
CA ARG B 580 20.40 -27.53 1.15
C ARG B 580 21.61 -28.38 0.77
N THR B 581 21.53 -29.10 -0.35
CA THR B 581 22.66 -29.90 -0.80
C THR B 581 23.87 -29.01 -1.07
N MET B 582 23.68 -27.91 -1.82
CA MET B 582 24.77 -26.99 -2.07
C MET B 582 25.26 -26.34 -0.78
N LEU B 583 24.35 -26.05 0.14
CA LEU B 583 24.74 -25.46 1.41
C LEU B 583 25.58 -26.43 2.24
N ALA B 584 25.31 -27.73 2.14
CA ALA B 584 26.11 -28.72 2.84
C ALA B 584 27.41 -29.01 2.13
N VAL B 585 27.41 -28.95 0.79
CA VAL B 585 28.66 -29.13 0.03
C VAL B 585 29.62 -27.99 0.33
N ARG B 586 29.12 -26.75 0.26
CA ARG B 586 29.97 -25.59 0.54
C ARG B 586 30.49 -25.60 1.97
N ARG B 587 29.70 -26.11 2.91
CA ARG B 587 30.14 -26.18 4.30
C ARG B 587 31.38 -27.05 4.46
N ARG B 588 31.50 -28.11 3.66
CA ARG B 588 32.62 -29.03 3.74
C ARG B 588 33.84 -28.55 2.96
N HIS B 589 33.89 -27.27 2.58
CA HIS B 589 34.98 -26.75 1.76
C HIS B 589 35.19 -25.27 2.08
N PRO B 590 36.23 -24.95 2.85
CA PRO B 590 36.45 -23.54 3.22
C PRO B 590 36.93 -22.67 2.08
N ALA B 591 37.42 -23.28 0.99
CA ALA B 591 37.83 -22.49 -0.17
C ALA B 591 36.66 -21.72 -0.78
N PHE B 592 35.42 -22.10 -0.47
CA PHE B 592 34.25 -21.35 -0.88
C PHE B 592 34.05 -20.10 -0.04
N ALA B 593 34.79 -19.92 1.04
CA ALA B 593 34.62 -18.80 1.94
C ALA B 593 35.88 -17.96 2.09
N VAL B 594 37.04 -18.59 2.25
CA VAL B 594 38.30 -17.87 2.44
C VAL B 594 39.33 -18.20 1.37
N GLY B 595 38.96 -18.99 0.36
CA GLY B 595 39.91 -19.31 -0.70
C GLY B 595 40.18 -18.12 -1.59
N ALA B 596 41.26 -18.24 -2.36
CA ALA B 596 41.65 -17.19 -3.29
C ALA B 596 40.97 -17.39 -4.64
N PHE B 597 40.56 -16.29 -5.26
CA PHE B 597 39.87 -16.33 -6.54
C PHE B 597 40.87 -16.26 -7.69
N GLN B 598 40.67 -17.11 -8.69
CA GLN B 598 41.49 -17.09 -9.89
C GLN B 598 40.62 -17.50 -11.07
N GLU B 599 40.27 -16.53 -11.91
CA GLU B 599 39.58 -16.84 -13.15
C GLU B 599 40.55 -17.52 -14.12
N LEU B 600 40.10 -18.60 -14.73
CA LEU B 600 40.98 -19.42 -15.56
C LEU B 600 40.83 -19.07 -17.04
N GLY B 601 41.85 -19.42 -17.81
CA GLY B 601 41.81 -19.19 -19.24
C GLY B 601 40.80 -20.12 -19.89
N GLY B 602 39.93 -19.54 -20.71
CA GLY B 602 38.91 -20.32 -21.39
C GLY B 602 38.86 -20.00 -22.86
N SER B 603 38.51 -21.02 -23.64
CA SER B 603 38.30 -20.87 -25.08
C SER B 603 36.90 -20.41 -25.43
N ASN B 604 36.02 -20.28 -24.43
CA ASN B 604 34.64 -19.89 -24.67
C ASN B 604 34.21 -18.84 -23.65
N PRO B 605 33.98 -17.59 -24.08
CA PRO B 605 33.51 -16.56 -23.15
C PRO B 605 32.07 -16.75 -22.68
N SER B 606 31.35 -17.73 -23.24
CA SER B 606 29.97 -17.97 -22.83
C SER B 606 29.87 -18.62 -21.47
N VAL B 607 30.99 -19.04 -20.88
CA VAL B 607 30.99 -19.79 -19.62
C VAL B 607 32.04 -19.19 -18.70
N LEU B 608 31.67 -19.03 -17.43
CA LEU B 608 32.55 -18.46 -16.41
C LEU B 608 33.13 -19.59 -15.57
N ALA B 609 34.46 -19.66 -15.53
CA ALA B 609 35.16 -20.68 -14.78
C ALA B 609 36.19 -20.04 -13.86
N TYR B 610 36.33 -20.58 -12.66
CA TYR B 610 37.27 -20.05 -11.69
C TYR B 610 37.59 -21.11 -10.65
N VAL B 611 38.82 -21.06 -10.14
CA VAL B 611 39.30 -21.97 -9.10
C VAL B 611 39.43 -21.19 -7.81
N ARG B 612 38.89 -21.76 -6.72
CA ARG B 612 39.02 -21.19 -5.38
C ARG B 612 39.88 -22.13 -4.56
N GLN B 613 41.05 -21.66 -4.14
CA GLN B 613 42.03 -22.49 -3.45
C GLN B 613 42.36 -21.91 -2.08
N VAL B 614 42.30 -22.75 -1.05
CA VAL B 614 42.80 -22.38 0.26
C VAL B 614 44.32 -22.37 0.22
N ALA B 615 44.92 -21.25 0.60
CA ALA B 615 46.36 -21.08 0.50
C ALA B 615 47.08 -22.08 1.41
N GLY B 616 48.15 -22.68 0.88
CA GLY B 616 48.96 -23.62 1.61
C GLY B 616 48.99 -24.99 0.96
N ASP B 617 49.90 -25.81 1.48
CA ASP B 617 50.00 -27.19 1.02
C ASP B 617 48.81 -28.01 1.49
N ASP B 618 48.36 -28.93 0.63
CA ASP B 618 47.15 -29.72 0.88
C ASP B 618 45.94 -28.83 1.16
N GLY B 619 45.93 -27.64 0.58
CA GLY B 619 44.84 -26.71 0.81
C GLY B 619 43.60 -27.08 0.01
N ASP B 620 42.45 -26.65 0.53
CA ASP B 620 41.17 -26.91 -0.13
C ASP B 620 41.13 -26.20 -1.48
N THR B 621 40.93 -26.97 -2.54
CA THR B 621 40.93 -26.45 -3.90
C THR B 621 39.69 -26.96 -4.63
N VAL B 622 38.79 -26.04 -4.96
CA VAL B 622 37.58 -26.37 -5.70
C VAL B 622 37.60 -25.63 -7.03
N LEU B 623 36.91 -26.19 -8.02
CA LEU B 623 36.79 -25.59 -9.34
C LEU B 623 35.32 -25.45 -9.68
N CYS B 624 34.90 -24.23 -10.02
CA CYS B 624 33.53 -23.94 -10.38
C CYS B 624 33.47 -23.48 -11.82
N VAL B 625 32.63 -24.14 -12.62
CA VAL B 625 32.42 -23.80 -14.02
C VAL B 625 30.95 -23.48 -14.20
N ASN B 626 30.64 -22.30 -14.75
CA ASN B 626 29.28 -21.81 -14.85
C ASN B 626 29.01 -21.35 -16.27
N ASN B 627 28.08 -22.01 -16.95
CA ASN B 627 27.69 -21.66 -18.31
C ASN B 627 26.62 -20.58 -18.27
N LEU B 628 26.82 -19.51 -19.04
CA LEU B 628 25.87 -18.42 -19.13
C LEU B 628 25.01 -18.45 -20.38
N SER B 629 25.29 -19.37 -21.30
CA SER B 629 24.49 -19.52 -22.51
C SER B 629 23.30 -20.45 -22.25
N ARG B 630 22.22 -20.22 -22.99
CA ARG B 630 21.05 -21.08 -22.92
C ARG B 630 21.19 -22.34 -23.76
N PHE B 631 22.34 -22.54 -24.39
CA PHE B 631 22.63 -23.69 -25.23
C PHE B 631 23.85 -24.44 -24.68
N PRO B 632 24.01 -25.72 -25.05
CA PRO B 632 25.23 -26.43 -24.67
C PRO B 632 26.46 -25.75 -25.25
N GLN B 633 27.51 -25.68 -24.44
CA GLN B 633 28.75 -25.03 -24.84
C GLN B 633 29.94 -25.83 -24.37
N PRO B 634 30.94 -26.02 -25.23
CA PRO B 634 32.20 -26.62 -24.78
C PRO B 634 33.24 -25.57 -24.42
N ILE B 635 34.19 -25.92 -23.56
CA ILE B 635 35.28 -25.01 -23.23
C ILE B 635 36.52 -25.78 -22.82
N GLU B 636 37.68 -25.38 -23.36
CA GLU B 636 38.96 -25.93 -22.93
C GLU B 636 39.53 -25.04 -21.82
N LEU B 637 39.94 -25.65 -20.73
CA LEU B 637 40.41 -24.92 -19.55
C LEU B 637 41.93 -24.90 -19.51
N ASP B 638 42.49 -23.79 -19.03
CA ASP B 638 43.92 -23.67 -18.84
C ASP B 638 44.27 -23.97 -17.39
N LEU B 639 44.17 -25.26 -17.04
CA LEU B 639 44.44 -25.76 -15.70
C LEU B 639 45.83 -26.39 -15.57
N GLN B 640 46.80 -25.94 -16.38
CA GLN B 640 48.14 -26.50 -16.30
C GLN B 640 48.80 -26.21 -14.96
N GLN B 641 48.28 -25.23 -14.21
CA GLN B 641 48.76 -24.99 -12.86
C GLN B 641 48.45 -26.17 -11.94
N TRP B 642 47.42 -26.95 -12.25
CA TRP B 642 47.06 -28.10 -11.45
C TRP B 642 47.23 -29.40 -12.23
N THR B 643 48.41 -29.59 -12.81
CA THR B 643 48.70 -30.84 -13.52
C THR B 643 48.76 -31.99 -12.52
N ASN B 644 48.19 -33.13 -12.91
CA ASN B 644 48.06 -34.35 -12.11
C ASN B 644 47.06 -34.19 -10.97
N TYR B 645 46.32 -33.08 -10.92
CA TYR B 645 45.18 -32.97 -10.02
C TYR B 645 43.98 -33.68 -10.63
N THR B 646 43.15 -34.24 -9.76
CA THR B 646 42.00 -35.01 -10.22
C THR B 646 40.72 -34.31 -9.79
N PRO B 647 39.90 -33.82 -10.72
CA PRO B 647 38.62 -33.20 -10.34
C PRO B 647 37.62 -34.27 -9.91
N VAL B 648 36.97 -34.01 -8.78
CA VAL B 648 35.94 -34.91 -8.25
C VAL B 648 34.68 -34.06 -8.05
N GLU B 649 33.64 -34.36 -8.83
CA GLU B 649 32.39 -33.61 -8.72
C GLU B 649 31.82 -33.74 -7.32
N LEU B 650 31.33 -32.62 -6.78
CA LEU B 650 31.03 -32.55 -5.36
C LEU B 650 29.73 -33.25 -4.99
N THR B 651 28.66 -33.04 -5.78
CA THR B 651 27.37 -33.59 -5.40
C THR B 651 27.33 -35.11 -5.57
N GLY B 652 27.98 -35.64 -6.59
CA GLY B 652 27.91 -37.05 -6.87
C GLY B 652 29.18 -37.83 -6.60
N HIS B 653 30.24 -37.13 -6.18
CA HIS B 653 31.54 -37.74 -5.90
C HIS B 653 32.08 -38.51 -7.11
N VAL B 654 31.67 -38.10 -8.31
CA VAL B 654 32.10 -38.75 -9.53
C VAL B 654 33.49 -38.26 -9.90
N GLU B 655 34.39 -39.19 -10.21
CA GLU B 655 35.76 -38.86 -10.57
C GLU B 655 35.85 -38.55 -12.05
N PHE B 656 36.46 -37.42 -12.37
CA PHE B 656 36.65 -36.94 -13.73
C PHE B 656 38.10 -37.13 -14.18
N PRO B 657 38.37 -37.02 -15.48
CA PRO B 657 39.75 -37.27 -15.96
C PRO B 657 40.77 -36.41 -15.26
N ARG B 658 41.93 -37.00 -14.99
CA ARG B 658 43.01 -36.27 -14.33
C ARG B 658 43.52 -35.15 -15.22
N ILE B 659 43.70 -33.97 -14.63
CA ILE B 659 44.20 -32.83 -15.39
C ILE B 659 45.68 -33.03 -15.72
N GLY B 660 46.09 -32.52 -16.87
CA GLY B 660 47.47 -32.59 -17.26
C GLY B 660 48.00 -31.28 -17.80
N GLN B 661 48.66 -31.35 -18.95
CA GLN B 661 49.28 -30.20 -19.58
C GLN B 661 48.56 -29.72 -20.83
N VAL B 662 47.57 -30.48 -21.31
CA VAL B 662 46.76 -30.11 -22.45
C VAL B 662 45.54 -29.36 -21.93
N PRO B 663 44.99 -28.39 -22.66
CA PRO B 663 43.77 -27.73 -22.22
C PRO B 663 42.68 -28.72 -21.84
N TYR B 664 42.15 -28.56 -20.64
CA TYR B 664 41.15 -29.49 -20.09
C TYR B 664 39.79 -29.20 -20.69
N LEU B 665 39.17 -30.20 -21.29
CA LEU B 665 37.91 -30.04 -22.01
C LEU B 665 36.75 -30.42 -21.10
N LEU B 666 35.79 -29.50 -20.95
CA LEU B 666 34.52 -29.74 -20.28
C LEU B 666 33.39 -29.37 -21.23
N THR B 667 32.21 -29.94 -20.97
CA THR B 667 31.00 -29.62 -21.72
C THR B 667 29.85 -29.38 -20.75
N LEU B 668 29.06 -28.34 -21.02
CA LEU B 668 27.97 -27.94 -20.15
C LEU B 668 26.70 -27.76 -20.96
N PRO B 669 25.54 -27.95 -20.33
CA PRO B 669 24.27 -27.67 -21.03
C PRO B 669 23.88 -26.20 -20.90
N GLY B 670 22.63 -25.88 -21.22
CA GLY B 670 22.15 -24.53 -21.09
C GLY B 670 22.03 -24.13 -19.63
N HIS B 671 22.74 -23.08 -19.22
CA HIS B 671 22.70 -22.55 -17.86
C HIS B 671 23.12 -23.59 -16.82
N GLY B 672 23.98 -24.54 -17.22
CA GLY B 672 24.47 -25.54 -16.30
C GLY B 672 25.71 -25.07 -15.55
N PHE B 673 26.06 -25.85 -14.52
CA PHE B 673 27.25 -25.56 -13.73
C PHE B 673 27.80 -26.86 -13.16
N TYR B 674 29.10 -26.82 -12.82
CA TYR B 674 29.80 -27.96 -12.25
C TYR B 674 30.65 -27.49 -11.08
N TRP B 675 30.80 -28.38 -10.09
CA TRP B 675 31.66 -28.13 -8.94
C TRP B 675 32.57 -29.34 -8.74
N PHE B 676 33.87 -29.15 -8.89
CA PHE B 676 34.85 -30.20 -8.70
C PHE B 676 35.76 -29.85 -7.52
N GLN B 677 36.30 -30.88 -6.88
CA GLN B 677 37.32 -30.73 -5.85
C GLN B 677 38.66 -31.18 -6.41
N LEU B 678 39.68 -30.35 -6.24
CA LEU B 678 41.00 -30.60 -6.80
C LEU B 678 41.86 -31.29 -5.73
N THR B 679 42.03 -32.60 -5.88
CA THR B 679 42.79 -33.40 -4.93
C THR B 679 44.07 -33.90 -5.58
N THR B 680 44.92 -34.49 -4.74
CA THR B 680 46.20 -35.03 -5.21
C THR B 680 46.51 -36.37 -4.52
CA CA C . -6.44 1.18 -21.25
CA CA D . -8.22 26.96 -0.31
CA CA E . 23.38 12.86 9.72
#